data_5D2M
#
_entry.id   5D2M
#
_cell.length_a   78.240
_cell.length_b   115.060
_cell.length_c   130.980
_cell.angle_alpha   90.00
_cell.angle_beta   90.00
_cell.angle_gamma   90.00
#
_symmetry.space_group_name_H-M   'P 21 21 21'
#
loop_
_entity.id
_entity.type
_entity.pdbx_description
1 polymer 'SUMO-conjugating enzyme UBC9'
2 polymer 'Small ubiquitin-related modifier 2'
3 polymer 'Ran GTPase-activating protein 1'
4 polymer 'Zinc finger protein 451'
5 non-polymer 1,2-ETHANEDIOL
6 water water
#
loop_
_entity_poly.entity_id
_entity_poly.type
_entity_poly.pdbx_seq_one_letter_code
_entity_poly.pdbx_strand_id
1 'polypeptide(L)'
;GSHMSGIALSRLAQERRAWRKDHPFGFVAVPTKNPDGTMNLMNWECAIPGKKGTPWEGGLFKLRMLFKDDYPSSPPKCKF
EPPLFHPNVYPSGTVCLSILEEDKDWRPAITIKQILLGIQELLNEPNIQDPAQAEAYTIYCQNRVEYEKRVRAQAKKFAP
S
;
A,D
2 'polypeptide(L)'
;GSHMNDHINLKVAGQDGSVVQFKIKRHTPLSKLMKAYCERQGLSMRQIRFRFDGQPINETDTPAQLEMEDEDTIDVFQQQ
TGG
;
B,E
3 'polypeptide(L)'
;SNTGEPAPVLSSPPPADVSTFLAFPSPEKLLRLGPKSSVLIAQQTDTSDPEKVVSAFLKVSSVFKDEATVRMAVQDAVDA
LMQKAFNSSSFNSNTFLTRLLVHMGLLKSEDKVKAIANLYGPLMALNHMVQQDYFPKALAPLLLAFVTKPNSALESCSFA
RHSLLQTLYKV
;
C,F
4 'polypeptide(L)' GAMDHVEFGSGDPGSEIIESVPPAGPEASESTTDENEDDIQFVSEGPLRPVLEYIDLVSSDDEEP G
#
# COMPACT_ATOMS: atom_id res chain seq x y z
N MET A 4 28.42 -0.18 -33.74
CA MET A 4 28.16 -1.63 -33.48
C MET A 4 27.21 -1.79 -32.30
N SER A 5 26.80 -0.67 -31.71
CA SER A 5 25.79 -0.68 -30.65
C SER A 5 24.41 -0.96 -31.23
N GLY A 6 24.32 -1.07 -32.55
CA GLY A 6 23.07 -1.41 -33.21
C GLY A 6 22.50 -2.73 -32.77
N ILE A 7 23.29 -3.51 -32.04
CA ILE A 7 22.81 -4.72 -31.40
C ILE A 7 21.79 -4.33 -30.33
N ALA A 8 22.10 -3.27 -29.60
CA ALA A 8 21.22 -2.79 -28.53
C ALA A 8 19.89 -2.31 -29.11
N LEU A 9 19.94 -1.59 -30.22
CA LEU A 9 18.74 -1.04 -30.84
C LEU A 9 17.88 -2.15 -31.44
N SER A 10 18.52 -3.19 -31.94
CA SER A 10 17.80 -4.29 -32.56
C SER A 10 17.02 -5.08 -31.51
N ARG A 11 17.61 -5.22 -30.33
CA ARG A 11 16.98 -5.95 -29.24
C ARG A 11 15.86 -5.14 -28.59
N LEU A 12 16.06 -3.83 -28.49
CA LEU A 12 15.08 -2.95 -27.88
C LEU A 12 13.82 -2.82 -28.73
N ALA A 13 13.99 -2.77 -30.05
CA ALA A 13 12.85 -2.74 -30.96
C ALA A 13 12.07 -4.04 -30.85
N GLN A 14 12.82 -5.11 -30.57
CA GLN A 14 12.25 -6.44 -30.39
C GLN A 14 11.49 -6.52 -29.06
N GLU A 15 12.04 -5.88 -28.03
CA GLU A 15 11.36 -5.78 -26.74
C GLU A 15 10.08 -4.98 -26.88
N ARG A 16 10.19 -3.83 -27.53
CA ARG A 16 9.04 -2.94 -27.77
C ARG A 16 7.95 -3.67 -28.53
N ARG A 17 8.36 -4.41 -29.56
CA ARG A 17 7.43 -5.15 -30.40
C ARG A 17 6.61 -6.13 -29.58
N ALA A 18 7.29 -6.90 -28.73
CA ALA A 18 6.65 -7.90 -27.89
C ALA A 18 5.76 -7.24 -26.84
N TRP A 19 6.23 -6.12 -26.30
CA TRP A 19 5.51 -5.43 -25.22
C TRP A 19 4.12 -5.00 -25.68
N ARG A 20 4.03 -4.47 -26.89
CA ARG A 20 2.76 -3.97 -27.40
C ARG A 20 1.75 -5.09 -27.58
N LYS A 21 2.23 -6.28 -27.93
CA LYS A 21 1.34 -7.42 -28.15
C LYS A 21 0.97 -8.09 -26.82
N ASP A 22 1.87 -8.04 -25.85
CA ASP A 22 1.68 -8.78 -24.61
C ASP A 22 2.49 -8.17 -23.47
N HIS A 23 1.82 -7.40 -22.63
CA HIS A 23 2.45 -6.77 -21.47
C HIS A 23 1.57 -6.95 -20.23
N PRO A 24 2.17 -6.91 -19.02
CA PRO A 24 1.38 -7.09 -17.81
C PRO A 24 0.34 -5.98 -17.61
N PHE A 25 -0.85 -6.36 -17.19
CA PHE A 25 -1.97 -5.43 -17.05
C PHE A 25 -1.64 -4.29 -16.10
N GLY A 26 -1.93 -3.07 -16.53
CA GLY A 26 -1.73 -1.89 -15.69
C GLY A 26 -0.35 -1.28 -15.83
N PHE A 27 0.56 -1.98 -16.49
CA PHE A 27 1.93 -1.50 -16.66
C PHE A 27 2.03 -0.62 -17.90
N VAL A 28 3.06 0.23 -17.94
CA VAL A 28 3.32 1.10 -19.07
C VAL A 28 4.80 1.09 -19.38
N ALA A 29 5.14 1.12 -20.67
CA ALA A 29 6.53 1.16 -21.10
C ALA A 29 6.59 1.68 -22.53
N VAL A 30 6.93 2.95 -22.68
CA VAL A 30 6.90 3.63 -23.97
C VAL A 30 8.22 4.32 -24.26
N PRO A 31 8.90 3.94 -25.36
CA PRO A 31 10.10 4.70 -25.75
C PRO A 31 9.81 6.19 -25.89
N THR A 32 10.80 7.02 -25.59
CA THR A 32 10.66 8.46 -25.78
C THR A 32 11.00 8.83 -27.22
N LYS A 33 10.79 10.10 -27.57
CA LYS A 33 11.08 10.57 -28.92
C LYS A 33 12.10 11.69 -28.91
N ASN A 34 13.08 11.59 -29.80
CA ASN A 34 14.06 12.66 -29.99
C ASN A 34 13.35 13.91 -30.49
N PRO A 35 14.00 15.08 -30.36
CA PRO A 35 13.42 16.33 -30.87
C PRO A 35 12.86 16.23 -32.28
N ASP A 36 13.41 15.35 -33.11
CA ASP A 36 12.99 15.22 -34.50
C ASP A 36 11.88 14.18 -34.68
N GLY A 37 11.20 13.82 -33.60
CA GLY A 37 10.03 12.97 -33.67
C GLY A 37 10.29 11.49 -33.87
N THR A 38 11.57 11.10 -33.94
CA THR A 38 11.92 9.70 -34.11
C THR A 38 12.02 9.00 -32.75
N MET A 39 11.89 7.68 -32.75
CA MET A 39 11.96 6.90 -31.51
C MET A 39 13.36 6.90 -30.93
N ASN A 40 13.43 7.05 -29.61
CA ASN A 40 14.68 6.88 -28.88
C ASN A 40 14.55 5.65 -27.97
N LEU A 41 14.97 4.50 -28.49
CA LEU A 41 14.83 3.24 -27.78
C LEU A 41 15.78 3.13 -26.58
N MET A 42 16.61 4.15 -26.37
CA MET A 42 17.59 4.12 -25.29
C MET A 42 17.04 4.78 -24.02
N ASN A 43 15.86 5.39 -24.13
CA ASN A 43 15.24 6.08 -23.00
C ASN A 43 13.73 5.80 -22.98
N TRP A 44 13.31 4.88 -22.12
CA TRP A 44 11.89 4.53 -22.00
C TRP A 44 11.24 5.19 -20.79
N GLU A 45 10.04 5.71 -21.01
CA GLU A 45 9.20 6.19 -19.91
C GLU A 45 8.21 5.11 -19.51
N CYS A 46 8.28 4.68 -18.26
CA CYS A 46 7.52 3.52 -17.78
C CYS A 46 6.69 3.87 -16.53
N ALA A 47 5.72 3.01 -16.23
CA ALA A 47 4.92 3.17 -15.02
C ALA A 47 4.59 1.81 -14.43
N ILE A 48 4.73 1.71 -13.11
CA ILE A 48 4.51 0.44 -12.41
C ILE A 48 3.31 0.56 -11.46
N PRO A 49 2.28 -0.28 -11.67
CA PRO A 49 1.15 -0.24 -10.74
C PRO A 49 1.46 -0.97 -9.45
N GLY A 50 0.96 -0.47 -8.32
CA GLY A 50 1.13 -1.15 -7.05
C GLY A 50 0.41 -2.49 -7.11
N LYS A 51 0.96 -3.49 -6.43
CA LYS A 51 0.35 -4.81 -6.45
C LYS A 51 -0.92 -4.85 -5.61
N LYS A 52 -1.94 -5.51 -6.13
CA LYS A 52 -3.20 -5.67 -5.41
C LYS A 52 -2.95 -6.39 -4.10
N GLY A 53 -3.52 -5.87 -3.02
CA GLY A 53 -3.40 -6.48 -1.71
C GLY A 53 -2.29 -5.91 -0.86
N THR A 54 -1.68 -4.82 -1.34
CA THR A 54 -0.59 -4.17 -0.61
C THR A 54 -0.90 -2.68 -0.40
N PRO A 55 -0.14 -2.01 0.48
CA PRO A 55 -0.35 -0.58 0.68
C PRO A 55 -0.08 0.26 -0.58
N TRP A 56 0.55 -0.35 -1.57
CA TRP A 56 0.90 0.36 -2.80
C TRP A 56 -0.25 0.33 -3.80
N GLU A 57 -1.29 -0.45 -3.49
CA GLU A 57 -2.42 -0.62 -4.39
C GLU A 57 -3.03 0.72 -4.82
N GLY A 58 -3.30 0.85 -6.12
CA GLY A 58 -3.98 2.02 -6.63
C GLY A 58 -3.05 3.10 -7.13
N GLY A 59 -1.78 2.99 -6.74
CA GLY A 59 -0.78 3.92 -7.21
C GLY A 59 -0.17 3.47 -8.52
N LEU A 60 0.20 4.44 -9.36
CA LEU A 60 0.89 4.16 -10.61
C LEU A 60 2.17 4.99 -10.61
N PHE A 61 3.31 4.29 -10.50
CA PHE A 61 4.56 4.95 -10.20
C PHE A 61 5.44 5.06 -11.43
N LYS A 62 5.74 6.31 -11.82
CA LYS A 62 6.48 6.59 -13.03
C LYS A 62 7.96 6.28 -12.85
N LEU A 63 8.54 5.62 -13.85
CA LEU A 63 9.94 5.21 -13.78
C LEU A 63 10.58 5.31 -15.16
N ARG A 64 11.80 5.81 -15.20
CA ARG A 64 12.53 5.95 -16.46
C ARG A 64 13.57 4.85 -16.61
N MET A 65 13.63 4.26 -17.80
CA MET A 65 14.57 3.17 -18.07
C MET A 65 15.62 3.62 -19.08
N LEU A 66 16.85 3.81 -18.60
CA LEU A 66 17.94 4.28 -19.46
C LEU A 66 18.86 3.13 -19.83
N PHE A 67 19.02 2.91 -21.14
CA PHE A 67 19.86 1.82 -21.65
C PHE A 67 21.22 2.32 -22.10
N LYS A 68 22.23 1.47 -21.96
CA LYS A 68 23.56 1.76 -22.46
C LYS A 68 23.76 1.05 -23.80
N ASP A 69 24.81 1.43 -24.52
CA ASP A 69 25.07 0.90 -25.84
C ASP A 69 25.49 -0.57 -25.82
N ASP A 70 25.95 -1.05 -24.67
CA ASP A 70 26.37 -2.44 -24.55
C ASP A 70 25.23 -3.36 -24.12
N TYR A 71 24.05 -2.79 -23.92
CA TYR A 71 22.84 -3.58 -23.70
C TYR A 71 22.68 -4.55 -24.87
N PRO A 72 22.33 -5.82 -24.60
CA PRO A 72 21.88 -6.45 -23.35
C PRO A 72 22.99 -7.04 -22.48
N SER A 73 24.24 -6.76 -22.80
CA SER A 73 25.34 -7.23 -21.96
C SER A 73 25.20 -6.59 -20.58
N SER A 74 24.82 -5.32 -20.58
CA SER A 74 24.64 -4.57 -19.35
C SER A 74 23.16 -4.34 -19.08
N PRO A 75 22.79 -4.19 -17.81
CA PRO A 75 21.40 -3.84 -17.46
C PRO A 75 21.14 -2.37 -17.70
N PRO A 76 19.85 -1.98 -17.74
CA PRO A 76 19.51 -0.55 -17.79
C PRO A 76 19.52 0.08 -16.40
N LYS A 77 19.61 1.42 -16.35
CA LYS A 77 19.42 2.12 -15.09
C LYS A 77 17.95 2.50 -14.96
N CYS A 78 17.35 2.15 -13.84
CA CYS A 78 15.95 2.42 -13.60
C CYS A 78 15.79 3.45 -12.48
N LYS A 79 15.21 4.60 -12.82
CA LYS A 79 15.02 5.67 -11.85
C LYS A 79 13.56 6.11 -11.77
N PHE A 80 13.02 6.15 -10.55
CA PHE A 80 11.67 6.69 -10.34
C PHE A 80 11.67 8.21 -10.49
N GLU A 81 10.63 8.72 -11.14
CA GLU A 81 10.48 10.16 -11.31
C GLU A 81 9.06 10.60 -10.91
N PRO A 82 8.92 11.26 -9.76
CA PRO A 82 9.97 11.63 -8.80
C PRO A 82 10.56 10.43 -8.09
N PRO A 83 11.63 10.62 -7.31
CA PRO A 83 12.18 9.55 -6.48
C PRO A 83 11.13 9.02 -5.50
N LEU A 84 11.04 7.69 -5.35
CA LEU A 84 10.04 7.11 -4.46
C LEU A 84 10.54 7.00 -3.04
N PHE A 85 9.62 7.20 -2.10
CA PHE A 85 9.85 6.86 -0.71
C PHE A 85 9.84 5.33 -0.60
N HIS A 86 11.03 4.75 -0.46
CA HIS A 86 11.17 3.30 -0.40
C HIS A 86 12.59 2.93 0.05
N PRO A 87 12.72 1.94 0.95
CA PRO A 87 14.03 1.63 1.53
C PRO A 87 15.15 1.38 0.51
N ASN A 88 14.82 0.73 -0.60
CA ASN A 88 15.81 0.32 -1.57
C ASN A 88 15.83 1.19 -2.82
N VAL A 89 15.39 2.43 -2.67
CA VAL A 89 15.46 3.42 -3.75
C VAL A 89 16.34 4.58 -3.31
N TYR A 90 17.47 4.76 -3.99
CA TYR A 90 18.39 5.85 -3.68
C TYR A 90 17.66 7.18 -3.72
N PRO A 91 18.19 8.19 -3.00
CA PRO A 91 17.63 9.54 -3.07
C PRO A 91 17.49 10.05 -4.50
N SER A 92 18.34 9.57 -5.41
CA SER A 92 18.30 10.01 -6.80
C SER A 92 17.13 9.39 -7.56
N GLY A 93 16.55 8.33 -6.98
CA GLY A 93 15.44 7.65 -7.60
C GLY A 93 15.86 6.34 -8.24
N THR A 94 17.16 6.09 -8.28
CA THR A 94 17.69 4.87 -8.87
C THR A 94 17.29 3.66 -8.03
N VAL A 95 16.68 2.68 -8.68
CA VAL A 95 16.28 1.44 -8.02
C VAL A 95 17.49 0.53 -7.84
N CYS A 96 17.70 0.07 -6.62
CA CYS A 96 18.79 -0.87 -6.34
C CYS A 96 18.23 -2.28 -6.19
N LEU A 97 18.39 -3.08 -7.25
CA LEU A 97 17.87 -4.44 -7.28
C LEU A 97 18.90 -5.35 -7.96
N SER A 98 19.07 -6.56 -7.45
CA SER A 98 20.16 -7.43 -7.89
C SER A 98 20.08 -7.74 -9.39
N ILE A 99 18.88 -7.93 -9.90
CA ILE A 99 18.70 -8.25 -11.32
C ILE A 99 19.09 -7.05 -12.20
N LEU A 100 19.27 -5.89 -11.59
CA LEU A 100 19.63 -4.69 -12.33
C LEU A 100 21.11 -4.37 -12.20
N GLU A 101 21.89 -5.34 -11.75
CA GLU A 101 23.33 -5.16 -11.58
C GLU A 101 24.09 -6.20 -12.39
N GLU A 102 24.93 -5.73 -13.31
CA GLU A 102 25.65 -6.60 -14.24
C GLU A 102 26.51 -7.63 -13.51
N ASP A 103 27.00 -7.25 -12.33
CA ASP A 103 27.89 -8.12 -11.57
C ASP A 103 27.15 -9.11 -10.67
N LYS A 104 25.82 -9.03 -10.66
CA LYS A 104 25.02 -9.88 -9.77
C LYS A 104 24.03 -10.76 -10.54
N ASP A 105 22.74 -10.41 -10.49
CA ASP A 105 21.70 -11.29 -11.01
C ASP A 105 21.20 -10.89 -12.40
N TRP A 106 21.81 -9.88 -13.01
CA TRP A 106 21.43 -9.50 -14.36
C TRP A 106 21.91 -10.55 -15.36
N ARG A 107 21.16 -10.71 -16.44
CA ARG A 107 21.56 -11.56 -17.56
C ARG A 107 20.82 -11.10 -18.81
N PRO A 108 21.47 -11.21 -19.99
CA PRO A 108 20.90 -10.67 -21.23
C PRO A 108 19.46 -11.12 -21.53
N ALA A 109 19.07 -12.29 -21.05
CA ALA A 109 17.77 -12.85 -21.40
C ALA A 109 16.60 -12.12 -20.72
N ILE A 110 16.88 -11.47 -19.60
CA ILE A 110 15.86 -10.77 -18.85
C ILE A 110 15.17 -9.72 -19.72
N THR A 111 13.84 -9.76 -19.77
CA THR A 111 13.07 -8.83 -20.57
C THR A 111 12.72 -7.58 -19.77
N ILE A 112 12.28 -6.53 -20.49
CA ILE A 112 11.83 -5.33 -19.83
C ILE A 112 10.65 -5.66 -18.94
N LYS A 113 9.78 -6.55 -19.42
CA LYS A 113 8.63 -7.00 -18.65
C LYS A 113 9.07 -7.53 -17.28
N GLN A 114 10.08 -8.40 -17.29
CA GLN A 114 10.60 -8.99 -16.05
C GLN A 114 11.20 -7.92 -15.14
N ILE A 115 11.83 -6.92 -15.73
CA ILE A 115 12.42 -5.85 -14.96
C ILE A 115 11.32 -5.13 -14.19
N LEU A 116 10.26 -4.74 -14.88
CA LEU A 116 9.19 -3.97 -14.27
C LEU A 116 8.44 -4.83 -13.25
N LEU A 117 8.30 -6.11 -13.53
CA LEU A 117 7.66 -7.03 -12.61
C LEU A 117 8.51 -7.21 -11.36
N GLY A 118 9.84 -7.20 -11.56
CA GLY A 118 10.78 -7.33 -10.46
C GLY A 118 10.70 -6.14 -9.52
N ILE A 119 10.69 -4.95 -10.10
CA ILE A 119 10.61 -3.72 -9.32
C ILE A 119 9.28 -3.64 -8.58
N GLN A 120 8.22 -4.13 -9.21
CA GLN A 120 6.90 -4.15 -8.57
C GLN A 120 6.96 -5.03 -7.34
N GLU A 121 7.60 -6.18 -7.48
CA GLU A 121 7.76 -7.12 -6.36
C GLU A 121 8.50 -6.46 -5.22
N LEU A 122 9.50 -5.64 -5.57
CA LEU A 122 10.34 -4.99 -4.58
C LEU A 122 9.55 -4.02 -3.71
N LEU A 123 8.57 -3.36 -4.32
CA LEU A 123 7.82 -2.30 -3.65
C LEU A 123 7.36 -2.69 -2.25
N ASN A 124 6.70 -3.85 -2.12
CA ASN A 124 6.17 -4.28 -0.84
C ASN A 124 7.04 -5.34 -0.17
N GLU A 125 8.19 -5.64 -0.76
CA GLU A 125 9.13 -6.57 -0.16
C GLU A 125 10.54 -5.98 -0.16
N PRO A 126 10.74 -4.89 0.60
CA PRO A 126 12.03 -4.22 0.68
C PRO A 126 13.07 -5.04 1.44
N ASN A 127 14.35 -4.78 1.16
CA ASN A 127 15.44 -5.37 1.94
C ASN A 127 15.91 -4.33 2.95
N ILE A 128 15.50 -4.50 4.21
CA ILE A 128 15.78 -3.52 5.24
CA ILE A 128 15.78 -3.52 5.24
C ILE A 128 17.23 -3.57 5.68
N GLN A 129 17.84 -4.74 5.55
CA GLN A 129 19.23 -4.93 5.98
C GLN A 129 20.20 -4.13 5.10
N ASP A 130 19.82 -3.88 3.86
CA ASP A 130 20.67 -3.14 2.92
C ASP A 130 19.91 -1.98 2.29
N PRO A 131 19.64 -0.92 3.06
CA PRO A 131 18.86 0.21 2.57
C PRO A 131 19.64 1.09 1.60
N ALA A 132 18.93 1.76 0.70
CA ALA A 132 19.55 2.63 -0.29
C ALA A 132 19.34 4.10 0.09
N GLN A 133 18.46 4.33 1.05
CA GLN A 133 18.17 5.68 1.51
C GLN A 133 17.94 5.65 3.01
N ALA A 134 18.09 6.79 3.66
CA ALA A 134 18.02 6.86 5.11
C ALA A 134 16.59 7.09 5.62
N GLU A 135 15.83 7.91 4.91
CA GLU A 135 14.49 8.29 5.36
CA GLU A 135 14.50 8.28 5.36
C GLU A 135 13.58 7.07 5.49
N ALA A 136 13.43 6.31 4.41
CA ALA A 136 12.53 5.17 4.41
C ALA A 136 12.95 4.11 5.43
N TYR A 137 14.25 3.87 5.54
CA TYR A 137 14.75 2.90 6.50
C TYR A 137 14.37 3.30 7.92
N THR A 138 14.56 4.58 8.24
CA THR A 138 14.36 5.07 9.60
C THR A 138 12.90 4.92 10.01
N ILE A 139 12.00 5.43 9.17
CA ILE A 139 10.58 5.40 9.46
C ILE A 139 10.11 3.95 9.56
N TYR A 140 10.57 3.11 8.63
CA TYR A 140 10.20 1.70 8.63
C TYR A 140 10.56 1.03 9.95
N CYS A 141 11.73 1.34 10.47
CA CYS A 141 12.23 0.65 11.66
C CYS A 141 11.69 1.24 12.96
N GLN A 142 11.38 2.53 12.96
CA GLN A 142 10.95 3.20 14.18
C GLN A 142 9.43 3.38 14.29
N ASN A 143 8.73 3.34 13.16
CA ASN A 143 7.31 3.63 13.15
C ASN A 143 6.58 3.08 11.92
N ARG A 144 6.15 1.81 12.03
CA ARG A 144 5.45 1.16 10.93
C ARG A 144 4.10 1.82 10.64
N VAL A 145 3.48 2.40 11.66
CA VAL A 145 2.25 3.14 11.47
C VAL A 145 2.51 4.30 10.53
N GLU A 146 3.61 5.01 10.77
CA GLU A 146 3.96 6.16 9.93
C GLU A 146 4.36 5.68 8.54
N TYR A 147 5.01 4.53 8.47
CA TYR A 147 5.43 3.97 7.18
C TYR A 147 4.20 3.66 6.33
N GLU A 148 3.23 2.99 6.93
CA GLU A 148 1.96 2.69 6.26
C GLU A 148 1.33 3.96 5.72
N LYS A 149 1.23 4.98 6.56
CA LYS A 149 0.66 6.26 6.14
C LYS A 149 1.40 6.83 4.93
N ARG A 150 2.72 6.85 4.99
CA ARG A 150 3.53 7.44 3.92
C ARG A 150 3.32 6.71 2.58
N VAL A 151 3.33 5.39 2.63
CA VAL A 151 3.14 4.58 1.42
C VAL A 151 1.75 4.81 0.85
N ARG A 152 0.72 4.70 1.69
CA ARG A 152 -0.65 4.92 1.26
C ARG A 152 -0.79 6.31 0.65
N ALA A 153 -0.23 7.31 1.32
CA ALA A 153 -0.31 8.68 0.84
C ALA A 153 0.41 8.81 -0.51
N GLN A 154 1.54 8.13 -0.63
CA GLN A 154 2.35 8.20 -1.85
C GLN A 154 1.59 7.56 -3.03
N ALA A 155 0.94 6.45 -2.77
CA ALA A 155 0.16 5.75 -3.79
C ALA A 155 -1.04 6.59 -4.24
N LYS A 156 -1.66 7.27 -3.28
CA LYS A 156 -2.81 8.13 -3.58
C LYS A 156 -2.37 9.29 -4.45
N LYS A 157 -1.21 9.85 -4.12
CA LYS A 157 -0.66 10.98 -4.87
C LYS A 157 -0.39 10.61 -6.33
N PHE A 158 -0.08 9.34 -6.57
CA PHE A 158 0.29 8.89 -7.91
C PHE A 158 -0.75 7.97 -8.55
N ALA A 159 -2.01 8.12 -8.14
CA ALA A 159 -3.08 7.33 -8.74
C ALA A 159 -3.32 7.77 -10.19
N PRO A 160 -3.65 6.83 -11.08
CA PRO A 160 -3.96 7.22 -12.47
C PRO A 160 -5.14 8.17 -12.57
N ILE B 8 -3.10 -35.28 -10.00
CA ILE B 8 -3.89 -34.12 -10.39
C ILE B 8 -3.14 -33.32 -11.45
N ASN B 9 -3.83 -32.35 -12.05
CA ASN B 9 -3.21 -31.46 -13.02
C ASN B 9 -2.82 -30.15 -12.35
N LEU B 10 -1.65 -29.62 -12.71
CA LEU B 10 -1.18 -28.37 -12.14
C LEU B 10 -0.57 -27.48 -13.22
N LYS B 11 -1.04 -26.23 -13.26
CA LYS B 11 -0.58 -25.27 -14.26
C LYS B 11 0.60 -24.46 -13.75
N VAL B 12 1.56 -24.21 -14.63
CA VAL B 12 2.74 -23.41 -14.29
C VAL B 12 2.72 -22.12 -15.09
N ALA B 13 2.32 -21.03 -14.44
CA ALA B 13 2.23 -19.73 -15.10
C ALA B 13 3.58 -19.03 -15.13
N GLY B 14 4.12 -18.84 -16.33
CA GLY B 14 5.41 -18.21 -16.51
C GLY B 14 5.33 -16.71 -16.73
N GLN B 15 6.48 -16.08 -16.96
CA GLN B 15 6.55 -14.64 -17.17
C GLN B 15 6.62 -14.30 -18.66
N ASP B 16 6.48 -15.31 -19.50
CA ASP B 16 6.58 -15.15 -20.95
C ASP B 16 5.22 -15.23 -21.63
N GLY B 17 4.16 -15.12 -20.85
CA GLY B 17 2.81 -15.14 -21.37
C GLY B 17 2.25 -16.53 -21.64
N SER B 18 2.95 -17.56 -21.17
CA SER B 18 2.55 -18.93 -21.43
C SER B 18 2.37 -19.73 -20.15
N VAL B 19 1.57 -20.81 -20.25
CA VAL B 19 1.33 -21.70 -19.12
C VAL B 19 1.59 -23.15 -19.53
N VAL B 20 2.42 -23.83 -18.74
CA VAL B 20 2.70 -25.23 -18.96
C VAL B 20 1.93 -26.04 -17.92
N GLN B 21 1.21 -27.06 -18.39
CA GLN B 21 0.41 -27.89 -17.50
C GLN B 21 1.04 -29.26 -17.33
N PHE B 22 1.15 -29.70 -16.08
CA PHE B 22 1.70 -31.01 -15.75
C PHE B 22 0.72 -31.82 -14.91
N LYS B 23 0.73 -33.13 -15.12
CA LYS B 23 -0.02 -34.03 -14.25
C LYS B 23 0.97 -34.68 -13.28
N ILE B 24 0.61 -34.69 -12.00
CA ILE B 24 1.52 -35.19 -10.98
C ILE B 24 0.72 -35.79 -9.82
N LYS B 25 1.29 -36.82 -9.19
CA LYS B 25 0.66 -37.51 -8.08
C LYS B 25 0.51 -36.56 -6.89
N ARG B 26 -0.46 -36.86 -6.02
CA ARG B 26 -0.76 -35.97 -4.90
C ARG B 26 0.31 -35.97 -3.82
N HIS B 27 1.27 -36.90 -3.92
CA HIS B 27 2.28 -37.04 -2.86
C HIS B 27 3.71 -37.15 -3.41
N THR B 28 3.94 -36.59 -4.59
CA THR B 28 5.28 -36.55 -5.16
C THR B 28 5.82 -35.12 -5.07
N PRO B 29 7.00 -34.93 -4.43
CA PRO B 29 7.55 -33.58 -4.25
C PRO B 29 7.58 -32.75 -5.53
N LEU B 30 7.35 -31.45 -5.38
CA LEU B 30 7.32 -30.53 -6.53
C LEU B 30 8.72 -30.26 -7.06
N SER B 31 9.73 -30.76 -6.37
CA SER B 31 11.10 -30.67 -6.84
C SER B 31 11.21 -31.22 -8.26
N LYS B 32 10.45 -32.28 -8.52
CA LYS B 32 10.45 -32.92 -9.83
C LYS B 32 9.77 -32.03 -10.88
N LEU B 33 8.66 -31.41 -10.48
CA LEU B 33 7.94 -30.51 -11.39
C LEU B 33 8.81 -29.29 -11.74
N MET B 34 9.55 -28.80 -10.75
CA MET B 34 10.40 -27.64 -10.94
C MET B 34 11.45 -27.91 -12.01
N LYS B 35 12.31 -28.88 -11.75
CA LYS B 35 13.40 -29.18 -12.68
C LYS B 35 12.87 -29.61 -14.05
N ALA B 36 11.60 -30.01 -14.10
CA ALA B 36 10.97 -30.36 -15.37
C ALA B 36 10.65 -29.11 -16.17
N TYR B 37 9.98 -28.15 -15.54
CA TYR B 37 9.65 -26.89 -16.20
C TYR B 37 10.92 -26.20 -16.67
N CYS B 38 11.90 -26.09 -15.78
CA CYS B 38 13.18 -25.49 -16.11
C CYS B 38 13.80 -26.21 -17.31
N GLU B 39 13.76 -27.53 -17.30
CA GLU B 39 14.34 -28.34 -18.36
C GLU B 39 13.71 -28.02 -19.71
N ARG B 40 12.43 -27.65 -19.69
CA ARG B 40 11.69 -27.38 -20.92
C ARG B 40 11.98 -25.98 -21.46
N GLN B 41 11.98 -24.99 -20.58
CA GLN B 41 12.23 -23.60 -20.99
C GLN B 41 13.71 -23.27 -20.96
N GLY B 42 14.55 -24.29 -20.78
CA GLY B 42 15.99 -24.10 -20.76
C GLY B 42 16.45 -23.16 -19.66
N LEU B 43 15.72 -23.14 -18.55
CA LEU B 43 16.03 -22.27 -17.43
C LEU B 43 16.78 -23.04 -16.35
N SER B 44 17.30 -22.31 -15.37
CA SER B 44 17.90 -22.92 -14.19
C SER B 44 17.03 -22.61 -12.97
N MET B 45 17.38 -23.15 -11.82
CA MET B 45 16.58 -22.98 -10.61
C MET B 45 17.14 -21.94 -9.66
N ARG B 46 18.42 -21.62 -9.81
CA ARG B 46 19.01 -20.53 -9.03
C ARG B 46 18.43 -19.20 -9.49
N GLN B 47 18.17 -19.09 -10.79
CA GLN B 47 17.68 -17.87 -11.38
C GLN B 47 16.17 -17.68 -11.18
N ILE B 48 15.46 -18.80 -11.00
CA ILE B 48 14.00 -18.78 -10.89
C ILE B 48 13.55 -19.26 -9.52
N ARG B 49 12.41 -18.75 -9.07
CA ARG B 49 11.76 -19.22 -7.84
C ARG B 49 10.30 -19.50 -8.13
N PHE B 50 9.67 -20.32 -7.29
CA PHE B 50 8.27 -20.68 -7.46
C PHE B 50 7.45 -20.27 -6.24
N ARG B 51 6.16 -19.99 -6.46
CA ARG B 51 5.26 -19.61 -5.38
C ARG B 51 3.85 -20.12 -5.65
N PHE B 52 3.12 -20.43 -4.58
CA PHE B 52 1.73 -20.87 -4.68
C PHE B 52 0.84 -20.00 -3.82
N ASP B 53 -0.06 -19.27 -4.47
CA ASP B 53 -0.99 -18.38 -3.76
C ASP B 53 -0.23 -17.34 -2.94
N GLY B 54 1.00 -17.03 -3.37
CA GLY B 54 1.79 -16.00 -2.74
C GLY B 54 2.91 -16.48 -1.85
N GLN B 55 2.88 -17.76 -1.49
CA GLN B 55 3.87 -18.31 -0.56
C GLN B 55 5.00 -19.04 -1.29
N PRO B 56 6.26 -18.72 -0.95
CA PRO B 56 7.40 -19.45 -1.54
C PRO B 56 7.31 -20.95 -1.34
N ILE B 57 7.50 -21.69 -2.43
CA ILE B 57 7.42 -23.14 -2.40
C ILE B 57 8.78 -23.75 -2.09
N ASN B 58 8.79 -24.73 -1.20
CA ASN B 58 9.99 -25.49 -0.91
C ASN B 58 10.03 -26.71 -1.84
N GLU B 59 11.22 -27.11 -2.26
CA GLU B 59 11.37 -28.20 -3.21
C GLU B 59 10.79 -29.50 -2.66
N THR B 60 10.72 -29.61 -1.34
CA THR B 60 10.30 -30.86 -0.70
C THR B 60 8.80 -30.92 -0.45
N ASP B 61 8.04 -29.99 -1.06
CA ASP B 61 6.60 -29.96 -0.86
C ASP B 61 5.88 -30.75 -1.97
N THR B 62 4.81 -31.43 -1.60
CA THR B 62 3.95 -32.10 -2.56
C THR B 62 2.62 -31.35 -2.60
N PRO B 63 1.78 -31.63 -3.61
CA PRO B 63 0.47 -30.99 -3.71
C PRO B 63 -0.40 -31.19 -2.46
N ALA B 64 -0.12 -32.24 -1.70
CA ALA B 64 -0.94 -32.61 -0.55
C ALA B 64 -0.84 -31.60 0.59
N GLN B 65 0.35 -31.50 1.20
CA GLN B 65 0.52 -30.65 2.37
C GLN B 65 0.22 -29.19 2.07
N LEU B 66 0.38 -28.79 0.81
CA LEU B 66 0.05 -27.43 0.39
C LEU B 66 -1.40 -27.36 -0.09
N GLU B 67 -2.16 -28.42 0.17
CA GLU B 67 -3.60 -28.44 -0.09
C GLU B 67 -3.93 -28.02 -1.51
N MET B 68 -3.12 -28.46 -2.46
CA MET B 68 -3.36 -28.15 -3.87
C MET B 68 -4.42 -29.09 -4.44
N GLU B 69 -5.25 -28.56 -5.34
CA GLU B 69 -6.29 -29.35 -5.98
C GLU B 69 -6.06 -29.42 -7.49
N ASP B 70 -7.02 -30.00 -8.21
CA ASP B 70 -6.90 -30.17 -9.65
C ASP B 70 -6.91 -28.83 -10.35
N GLU B 71 -6.01 -28.67 -11.32
CA GLU B 71 -5.90 -27.44 -12.12
C GLU B 71 -5.75 -26.18 -11.26
N ASP B 72 -4.79 -26.21 -10.34
CA ASP B 72 -4.35 -25.01 -9.64
C ASP B 72 -3.11 -24.47 -10.35
N THR B 73 -2.63 -23.31 -9.95
CA THR B 73 -1.56 -22.64 -10.67
C THR B 73 -0.32 -22.36 -9.82
N ILE B 74 0.84 -22.69 -10.37
CA ILE B 74 2.13 -22.32 -9.80
C ILE B 74 2.67 -21.12 -10.56
N ASP B 75 3.21 -20.15 -9.82
CA ASP B 75 3.72 -18.92 -10.45
C ASP B 75 5.25 -18.88 -10.44
N VAL B 76 5.82 -18.53 -11.58
CA VAL B 76 7.27 -18.48 -11.74
C VAL B 76 7.76 -17.04 -11.63
N PHE B 77 8.90 -16.85 -10.98
CA PHE B 77 9.45 -15.50 -10.82
CA PHE B 77 9.45 -15.51 -10.82
C PHE B 77 10.97 -15.52 -10.83
N GLN B 78 11.56 -14.44 -11.34
CA GLN B 78 13.01 -14.30 -11.41
C GLN B 78 13.56 -13.97 -10.03
N GLN B 79 14.53 -14.77 -9.58
CA GLN B 79 15.16 -14.57 -8.28
C GLN B 79 15.74 -13.15 -8.18
N GLN B 80 15.57 -12.51 -7.03
CA GLN B 80 16.06 -11.16 -6.84
C GLN B 80 16.14 -10.76 -5.37
N THR B 81 16.75 -9.61 -5.12
CA THR B 81 16.76 -9.02 -3.79
C THR B 81 17.26 -7.58 -3.88
N GLY B 82 16.57 -6.68 -3.18
CA GLY B 82 16.97 -5.29 -3.16
C GLY B 82 18.25 -5.04 -2.39
N GLY B 83 18.76 -3.82 -2.45
CA GLY B 83 19.98 -3.47 -1.75
C GLY B 83 20.22 -1.98 -1.73
N PRO C 14 43.83 32.24 0.93
CA PRO C 14 43.79 30.85 1.39
C PRO C 14 45.10 30.46 2.06
N PRO C 15 45.25 30.80 3.36
CA PRO C 15 46.47 30.48 4.11
C PRO C 15 46.97 29.06 3.86
N ALA C 16 48.28 28.90 3.76
CA ALA C 16 48.88 27.62 3.39
C ALA C 16 48.80 26.63 4.54
N ASP C 17 48.94 27.11 5.76
CA ASP C 17 48.94 26.24 6.92
C ASP C 17 47.59 25.53 7.06
N VAL C 18 46.52 26.21 6.66
CA VAL C 18 45.18 25.64 6.70
C VAL C 18 45.07 24.51 5.66
N SER C 19 45.35 24.85 4.41
CA SER C 19 45.28 23.89 3.31
C SER C 19 46.15 22.68 3.60
N THR C 20 47.28 22.92 4.26
CA THR C 20 48.21 21.86 4.61
C THR C 20 47.58 20.94 5.64
N PHE C 21 46.79 21.52 6.53
CA PHE C 21 46.12 20.76 7.57
C PHE C 21 45.03 19.85 6.99
N LEU C 22 44.21 20.42 6.11
CA LEU C 22 43.11 19.67 5.50
C LEU C 22 43.62 18.56 4.61
N ALA C 23 44.80 18.75 4.04
CA ALA C 23 45.39 17.74 3.17
C ALA C 23 45.94 16.58 3.99
N PHE C 24 46.59 16.91 5.11
CA PHE C 24 47.18 15.89 5.99
C PHE C 24 46.88 16.22 7.45
N PRO C 25 45.64 15.98 7.89
CA PRO C 25 45.20 16.38 9.22
C PRO C 25 46.00 15.75 10.36
N SER C 26 46.24 16.54 11.40
CA SER C 26 46.80 16.02 12.64
C SER C 26 46.41 16.98 13.76
N PRO C 27 46.28 16.46 14.98
CA PRO C 27 45.91 17.36 16.09
C PRO C 27 46.94 18.48 16.28
N GLU C 28 48.22 18.18 16.03
CA GLU C 28 49.27 19.19 16.17
C GLU C 28 49.05 20.36 15.22
N LYS C 29 48.82 20.05 13.95
CA LYS C 29 48.63 21.10 12.95
C LYS C 29 47.39 21.92 13.28
N LEU C 30 46.33 21.26 13.75
CA LEU C 30 45.11 21.96 14.14
C LEU C 30 45.41 23.01 15.21
N LEU C 31 46.11 22.59 16.26
CA LEU C 31 46.46 23.51 17.34
C LEU C 31 47.35 24.64 16.86
N ARG C 32 48.34 24.32 16.03
CA ARG C 32 49.33 25.30 15.58
C ARG C 32 48.70 26.37 14.69
N LEU C 33 47.48 26.14 14.23
CA LEU C 33 46.77 27.12 13.42
C LEU C 33 46.39 28.34 14.26
N GLY C 34 46.36 28.15 15.58
CA GLY C 34 46.07 29.23 16.50
C GLY C 34 44.62 29.24 16.95
N PRO C 35 44.26 30.23 17.79
CA PRO C 35 42.92 30.38 18.37
C PRO C 35 41.85 30.84 17.37
N LYS C 36 42.21 30.98 16.10
CA LYS C 36 41.26 31.35 15.06
C LYS C 36 41.00 30.17 14.11
N SER C 37 41.48 28.98 14.48
CA SER C 37 41.37 27.80 13.64
C SER C 37 39.92 27.48 13.25
N SER C 38 38.98 27.84 14.11
CA SER C 38 37.58 27.58 13.83
C SER C 38 37.11 28.39 12.64
N VAL C 39 37.33 29.70 12.70
CA VAL C 39 36.91 30.61 11.67
C VAL C 39 37.67 30.34 10.36
N LEU C 40 38.96 30.09 10.47
CA LEU C 40 39.80 29.86 9.30
C LEU C 40 39.30 28.66 8.48
N ILE C 41 39.16 27.51 9.13
CA ILE C 41 38.75 26.30 8.45
C ILE C 41 37.38 26.48 7.81
N ALA C 42 36.47 27.13 8.54
CA ALA C 42 35.11 27.33 8.06
C ALA C 42 35.12 28.09 6.74
N GLN C 43 35.92 29.14 6.67
CA GLN C 43 35.95 30.01 5.50
C GLN C 43 36.58 29.33 4.28
N GLN C 44 37.61 28.53 4.51
CA GLN C 44 38.28 27.83 3.41
C GLN C 44 37.41 26.72 2.81
N THR C 45 36.34 26.36 3.51
CA THR C 45 35.45 25.30 3.03
C THR C 45 34.18 25.87 2.42
N ASP C 46 33.72 25.28 1.33
CA ASP C 46 32.51 25.74 0.65
C ASP C 46 31.27 25.14 1.30
N THR C 47 30.56 25.96 2.07
CA THR C 47 29.42 25.48 2.85
C THR C 47 28.11 25.51 2.08
N SER C 48 28.19 25.34 0.77
CA SER C 48 27.00 25.23 -0.07
C SER C 48 26.92 23.84 -0.68
N ASP C 49 28.05 23.14 -0.69
CA ASP C 49 28.13 21.78 -1.22
C ASP C 49 28.24 20.78 -0.06
N PRO C 50 27.14 20.08 0.28
CA PRO C 50 27.18 19.17 1.42
C PRO C 50 28.31 18.14 1.34
N GLU C 51 28.67 17.70 0.13
CA GLU C 51 29.72 16.71 -0.01
C GLU C 51 31.04 17.26 0.57
N LYS C 52 31.25 18.56 0.42
CA LYS C 52 32.48 19.18 0.87
C LYS C 52 32.41 19.47 2.37
N VAL C 53 31.20 19.76 2.85
CA VAL C 53 30.99 19.97 4.27
C VAL C 53 31.25 18.67 5.02
N VAL C 54 30.83 17.55 4.43
CA VAL C 54 31.07 16.23 5.01
C VAL C 54 32.56 15.96 5.08
N SER C 55 33.24 16.19 3.96
CA SER C 55 34.68 15.95 3.86
C SER C 55 35.43 16.76 4.90
N ALA C 56 35.03 18.03 5.06
CA ALA C 56 35.65 18.92 6.02
C ALA C 56 35.39 18.43 7.44
N PHE C 57 34.15 17.98 7.68
CA PHE C 57 33.77 17.49 8.98
C PHE C 57 34.60 16.28 9.39
N LEU C 58 34.81 15.37 8.45
CA LEU C 58 35.55 14.14 8.74
C LEU C 58 37.03 14.42 8.90
N LYS C 59 37.54 15.36 8.12
CA LYS C 59 38.94 15.78 8.22
C LYS C 59 39.21 16.35 9.60
N VAL C 60 38.35 17.29 10.02
CA VAL C 60 38.46 17.92 11.32
C VAL C 60 38.32 16.89 12.44
N SER C 61 37.27 16.09 12.37
CA SER C 61 36.95 15.17 13.45
C SER C 61 37.94 14.01 13.53
N SER C 62 38.74 13.83 12.49
CA SER C 62 39.71 12.73 12.45
C SER C 62 40.85 12.91 13.45
N VAL C 63 41.09 14.14 13.88
CA VAL C 63 42.19 14.41 14.82
C VAL C 63 41.66 14.58 16.24
N PHE C 64 40.41 14.20 16.46
CA PHE C 64 39.81 14.32 17.78
C PHE C 64 40.58 13.52 18.83
N LYS C 65 40.76 14.13 19.99
CA LYS C 65 41.34 13.45 21.14
CA LYS C 65 41.34 13.45 21.14
C LYS C 65 40.60 13.93 22.39
N ASP C 66 40.48 13.03 23.38
CA ASP C 66 39.78 13.36 24.62
C ASP C 66 40.44 14.52 25.34
N GLU C 67 41.76 14.64 25.20
CA GLU C 67 42.52 15.71 25.85
C GLU C 67 41.83 17.04 25.57
N ALA C 68 41.63 17.82 26.62
CA ALA C 68 40.74 18.98 26.58
C ALA C 68 41.09 19.97 25.48
N THR C 69 42.37 20.28 25.33
CA THR C 69 42.78 21.31 24.39
C THR C 69 42.41 20.90 22.96
N VAL C 70 42.81 19.71 22.56
CA VAL C 70 42.49 19.21 21.23
C VAL C 70 40.98 19.05 21.10
N ARG C 71 40.35 18.57 22.16
CA ARG C 71 38.91 18.33 22.15
C ARG C 71 38.15 19.60 21.81
N MET C 72 38.49 20.69 22.49
CA MET C 72 37.81 21.97 22.28
CA MET C 72 37.83 21.97 22.27
C MET C 72 38.09 22.50 20.87
N ALA C 73 39.33 22.30 20.39
CA ALA C 73 39.71 22.79 19.08
C ALA C 73 38.90 22.10 17.98
N VAL C 74 38.65 20.81 18.16
CA VAL C 74 37.91 20.04 17.18
C VAL C 74 36.44 20.40 17.24
N GLN C 75 35.92 20.54 18.45
CA GLN C 75 34.50 20.86 18.64
C GLN C 75 34.19 22.29 18.21
N ASP C 76 35.11 23.21 18.47
CA ASP C 76 34.93 24.61 18.06
C ASP C 76 34.90 24.70 16.53
N ALA C 77 35.76 23.92 15.88
CA ALA C 77 35.83 23.89 14.43
C ALA C 77 34.55 23.30 13.85
N VAL C 78 34.08 22.21 14.44
CA VAL C 78 32.85 21.57 14.00
C VAL C 78 31.70 22.56 14.09
N ASP C 79 31.60 23.25 15.22
CA ASP C 79 30.53 24.22 15.42
C ASP C 79 30.60 25.34 14.37
N ALA C 80 31.80 25.85 14.13
CA ALA C 80 31.99 26.93 13.16
C ALA C 80 31.64 26.44 11.76
N LEU C 81 32.11 25.25 11.43
CA LEU C 81 31.89 24.67 10.11
C LEU C 81 30.40 24.47 9.84
N MET C 82 29.67 24.03 10.87
CA MET C 82 28.30 23.58 10.68
C MET C 82 27.28 24.70 10.83
N GLN C 83 27.60 25.71 11.63
CA GLN C 83 26.70 26.85 11.77
C GLN C 83 26.68 27.66 10.48
N LYS C 84 27.84 27.76 9.83
CA LYS C 84 27.94 28.46 8.56
C LYS C 84 27.14 27.73 7.48
N ALA C 85 27.06 26.41 7.60
CA ALA C 85 26.41 25.58 6.59
C ALA C 85 24.90 25.53 6.80
N PHE C 86 24.47 25.32 8.04
CA PHE C 86 23.05 25.19 8.34
C PHE C 86 22.32 26.52 8.20
N ASN C 87 23.02 27.63 8.45
CA ASN C 87 22.39 28.95 8.36
C ASN C 87 22.04 29.30 6.91
N SER C 88 22.69 28.63 5.96
CA SER C 88 22.35 28.78 4.55
C SER C 88 21.01 28.11 4.28
N SER C 89 20.01 28.91 3.93
CA SER C 89 18.66 28.40 3.74
C SER C 89 18.57 27.35 2.63
N SER C 90 19.54 27.38 1.72
CA SER C 90 19.55 26.46 0.59
C SER C 90 20.27 25.15 0.91
N PHE C 91 21.09 25.16 1.96
CA PHE C 91 21.86 23.98 2.34
C PHE C 91 20.94 22.82 2.72
N ASN C 92 21.08 21.69 2.03
CA ASN C 92 20.23 20.53 2.29
C ASN C 92 20.82 19.64 3.38
N SER C 93 20.27 19.76 4.59
CA SER C 93 20.76 19.02 5.74
C SER C 93 20.65 17.51 5.56
N ASN C 94 19.68 17.05 4.79
CA ASN C 94 19.47 15.62 4.57
C ASN C 94 20.55 15.02 3.69
N THR C 95 21.00 15.78 2.70
CA THR C 95 22.09 15.31 1.86
C THR C 95 23.36 15.20 2.70
N PHE C 96 23.57 16.17 3.58
CA PHE C 96 24.72 16.13 4.47
C PHE C 96 24.73 14.84 5.30
N LEU C 97 23.64 14.58 6.00
CA LEU C 97 23.58 13.44 6.90
C LEU C 97 23.69 12.15 6.13
N THR C 98 23.00 12.08 4.99
CA THR C 98 23.05 10.91 4.13
C THR C 98 24.49 10.61 3.72
N ARG C 99 25.18 11.63 3.20
CA ARG C 99 26.53 11.44 2.68
C ARG C 99 27.51 11.18 3.83
N LEU C 100 27.26 11.80 4.98
CA LEU C 100 28.07 11.52 6.16
C LEU C 100 28.01 10.02 6.48
N LEU C 101 26.81 9.47 6.48
CA LEU C 101 26.62 8.04 6.76
C LEU C 101 27.32 7.20 5.69
N VAL C 102 27.32 7.70 4.45
CA VAL C 102 27.96 7.00 3.34
C VAL C 102 29.46 6.90 3.59
N HIS C 103 30.10 8.04 3.85
CA HIS C 103 31.54 8.08 4.09
C HIS C 103 31.93 7.32 5.34
N MET C 104 31.04 7.31 6.34
CA MET C 104 31.29 6.56 7.57
C MET C 104 31.01 5.08 7.39
N GLY C 105 30.58 4.69 6.18
CA GLY C 105 30.41 3.29 5.84
C GLY C 105 29.17 2.64 6.44
N LEU C 106 28.21 3.46 6.83
CA LEU C 106 27.00 2.96 7.49
C LEU C 106 25.84 2.80 6.51
N LEU C 107 26.03 3.30 5.29
CA LEU C 107 24.98 3.28 4.26
C LEU C 107 25.59 3.13 2.87
N LYS C 108 24.99 2.26 2.04
CA LYS C 108 25.48 2.07 0.68
C LYS C 108 25.37 3.37 -0.12
N SER C 109 26.16 3.48 -1.18
CA SER C 109 26.10 4.64 -2.06
C SER C 109 26.07 4.22 -3.52
N GLU C 110 25.33 4.95 -4.33
CA GLU C 110 25.20 4.64 -5.75
C GLU C 110 26.54 4.76 -6.45
N ASP C 111 27.36 5.71 -6.00
CA ASP C 111 28.66 5.96 -6.61
C ASP C 111 29.79 5.16 -5.94
N LYS C 112 29.43 4.28 -5.01
CA LYS C 112 30.40 3.40 -4.37
C LYS C 112 31.57 4.16 -3.74
N VAL C 113 31.32 4.77 -2.59
CA VAL C 113 32.34 5.55 -1.89
C VAL C 113 33.15 4.63 -0.97
N LYS C 114 34.45 4.86 -0.91
CA LYS C 114 35.31 4.15 0.02
C LYS C 114 35.13 4.72 1.42
N ALA C 115 34.73 3.88 2.36
CA ALA C 115 34.46 4.32 3.72
C ALA C 115 35.75 4.56 4.50
N ILE C 116 35.74 5.58 5.36
CA ILE C 116 36.88 5.83 6.24
C ILE C 116 37.04 4.66 7.20
N ALA C 117 38.20 4.57 7.84
CA ALA C 117 38.52 3.42 8.69
C ALA C 117 38.24 3.69 10.16
N ASN C 118 38.62 4.88 10.64
CA ASN C 118 38.54 5.20 12.06
C ASN C 118 37.32 6.07 12.34
N LEU C 119 36.37 5.53 13.08
CA LEU C 119 35.12 6.23 13.34
C LEU C 119 35.04 6.86 14.73
N TYR C 120 36.05 6.63 15.57
CA TYR C 120 36.05 7.21 16.92
C TYR C 120 35.88 8.72 16.87
N GLY C 121 36.73 9.39 16.10
CA GLY C 121 36.68 10.84 16.00
C GLY C 121 35.36 11.38 15.50
N PRO C 122 34.91 10.90 14.33
CA PRO C 122 33.62 11.34 13.79
C PRO C 122 32.45 11.11 14.75
N LEU C 123 32.47 9.99 15.47
CA LEU C 123 31.42 9.70 16.44
C LEU C 123 31.44 10.69 17.60
N MET C 124 32.61 10.94 18.17
CA MET C 124 32.74 11.87 19.28
C MET C 124 32.33 13.27 18.82
N ALA C 125 32.69 13.62 17.60
CA ALA C 125 32.31 14.91 17.02
C ALA C 125 30.80 14.99 16.81
N LEU C 126 30.23 13.91 16.30
CA LEU C 126 28.78 13.82 16.15
C LEU C 126 28.09 14.02 17.49
N ASN C 127 28.65 13.40 18.51
CA ASN C 127 28.11 13.48 19.86
C ASN C 127 27.98 14.93 20.29
N HIS C 128 29.03 15.71 20.06
CA HIS C 128 29.01 17.12 20.42
C HIS C 128 28.02 17.90 19.57
N MET C 129 28.00 17.62 18.27
CA MET C 129 27.18 18.40 17.35
C MET C 129 25.69 18.31 17.67
N VAL C 130 25.19 17.09 17.89
CA VAL C 130 23.76 16.88 18.08
C VAL C 130 23.25 17.53 19.36
N GLN C 131 24.15 17.89 20.25
CA GLN C 131 23.77 18.54 21.50
C GLN C 131 23.64 20.06 21.31
N GLN C 132 24.07 20.55 20.15
CA GLN C 132 24.04 21.99 19.87
C GLN C 132 22.69 22.41 19.27
N ASP C 133 22.31 23.64 19.54
CA ASP C 133 21.03 24.18 19.09
C ASP C 133 20.92 24.22 17.56
N TYR C 134 22.03 24.52 16.90
CA TYR C 134 22.03 24.69 15.45
C TYR C 134 21.78 23.39 14.70
N PHE C 135 21.80 22.27 15.39
CA PHE C 135 21.62 20.98 14.74
C PHE C 135 20.14 20.71 14.48
N PRO C 136 19.78 20.41 13.22
CA PRO C 136 18.37 20.11 12.93
C PRO C 136 17.87 18.86 13.65
N LYS C 137 16.98 19.05 14.60
CA LYS C 137 16.46 17.96 15.43
C LYS C 137 15.83 16.85 14.57
N ALA C 138 15.44 17.18 13.35
CA ALA C 138 14.79 16.23 12.45
C ALA C 138 15.76 15.15 11.97
N LEU C 139 17.06 15.39 12.11
CA LEU C 139 18.06 14.45 11.65
C LEU C 139 18.36 13.38 12.71
N ALA C 140 18.08 13.70 13.96
CA ALA C 140 18.44 12.82 15.07
C ALA C 140 17.89 11.40 14.89
N PRO C 141 16.60 11.27 14.55
CA PRO C 141 16.05 9.91 14.40
C PRO C 141 16.81 9.08 13.37
N LEU C 142 17.32 9.73 12.33
CA LEU C 142 18.08 9.05 11.30
C LEU C 142 19.44 8.59 11.82
N LEU C 143 20.12 9.48 12.55
CA LEU C 143 21.39 9.12 13.18
C LEU C 143 21.19 7.93 14.08
N LEU C 144 20.15 8.00 14.91
CA LEU C 144 19.85 6.94 15.86
C LEU C 144 19.70 5.60 15.16
N ALA C 145 18.99 5.60 14.04
CA ALA C 145 18.72 4.37 13.30
C ALA C 145 20.01 3.73 12.78
N PHE C 146 20.85 4.52 12.11
CA PHE C 146 22.04 3.98 11.47
C PHE C 146 23.24 3.80 12.41
N VAL C 147 23.23 4.48 13.55
CA VAL C 147 24.24 4.24 14.57
C VAL C 147 23.84 2.98 15.34
N THR C 148 22.53 2.73 15.42
CA THR C 148 22.01 1.53 16.06
C THR C 148 22.18 0.31 15.16
N LYS C 149 22.03 0.53 13.86
CA LYS C 149 22.06 -0.55 12.88
C LYS C 149 23.39 -1.32 12.98
N PRO C 150 23.32 -2.66 13.00
CA PRO C 150 24.55 -3.46 13.12
C PRO C 150 25.60 -3.10 12.07
N ASN C 151 26.85 -2.97 12.52
CA ASN C 151 27.96 -2.62 11.64
C ASN C 151 29.26 -2.94 12.35
N SER C 152 30.16 -3.64 11.66
CA SER C 152 31.40 -4.13 12.26
C SER C 152 32.27 -2.98 12.76
N ALA C 153 32.39 -1.92 11.95
CA ALA C 153 33.19 -0.77 12.33
C ALA C 153 32.67 -0.14 13.62
N LEU C 154 31.35 -0.07 13.77
CA LEU C 154 30.75 0.48 14.99
C LEU C 154 30.95 -0.44 16.19
N GLU C 155 30.95 -1.75 15.95
CA GLU C 155 31.15 -2.70 17.04
C GLU C 155 32.55 -2.58 17.63
N SER C 156 33.46 -1.97 16.87
CA SER C 156 34.83 -1.75 17.33
C SER C 156 34.94 -0.41 18.06
N CYS C 157 33.91 0.41 17.96
CA CYS C 157 33.90 1.71 18.63
C CYS C 157 32.83 1.73 19.71
N SER C 158 32.81 0.68 20.51
CA SER C 158 31.77 0.48 21.51
C SER C 158 31.50 1.73 22.34
N PHE C 159 32.50 2.19 23.09
CA PHE C 159 32.32 3.30 24.02
C PHE C 159 31.82 4.57 23.31
N ALA C 160 32.41 4.89 22.17
CA ALA C 160 32.01 6.09 21.42
C ALA C 160 30.60 5.92 20.86
N ARG C 161 30.29 4.71 20.41
CA ARG C 161 28.98 4.42 19.83
C ARG C 161 27.87 4.57 20.86
N HIS C 162 28.01 3.89 21.98
CA HIS C 162 26.98 3.87 23.02
C HIS C 162 26.83 5.23 23.68
N SER C 163 27.90 6.02 23.68
CA SER C 163 27.86 7.37 24.20
C SER C 163 27.02 8.27 23.29
N LEU C 164 27.27 8.17 21.99
CA LEU C 164 26.47 8.92 21.02
C LEU C 164 25.00 8.50 21.11
N LEU C 165 24.76 7.21 21.28
CA LEU C 165 23.40 6.70 21.37
C LEU C 165 22.71 7.21 22.64
N GLN C 166 23.45 7.23 23.74
CA GLN C 166 22.92 7.75 24.99
C GLN C 166 22.53 9.21 24.80
N THR C 167 23.37 9.98 24.11
CA THR C 167 23.12 11.39 23.86
C THR C 167 21.89 11.56 22.95
N LEU C 168 21.69 10.64 22.03
CA LEU C 168 20.56 10.72 21.10
C LEU C 168 19.24 10.36 21.78
N TYR C 169 19.31 9.63 22.89
CA TYR C 169 18.12 9.22 23.63
C TYR C 169 17.75 10.21 24.75
N LYS C 170 18.52 11.28 24.89
CA LYS C 170 18.40 12.14 26.07
C LYS C 170 17.08 12.91 26.14
N VAL C 171 16.50 12.95 27.34
CA VAL C 171 15.24 13.64 27.60
C VAL C 171 14.12 12.96 26.84
N MET D 4 -47.77 9.09 -9.73
CA MET D 4 -46.86 9.48 -10.81
C MET D 4 -45.50 8.82 -10.63
N SER D 5 -45.32 8.10 -9.53
CA SER D 5 -44.08 7.36 -9.31
C SER D 5 -43.95 6.17 -10.25
N GLY D 6 -44.97 5.98 -11.08
CA GLY D 6 -45.00 4.91 -12.07
C GLY D 6 -43.89 4.98 -13.11
N ILE D 7 -43.12 6.06 -13.14
CA ILE D 7 -41.95 6.10 -14.00
C ILE D 7 -41.01 4.99 -13.55
N ALA D 8 -41.01 4.74 -12.24
CA ALA D 8 -40.23 3.63 -11.70
C ALA D 8 -40.76 2.29 -12.20
N LEU D 9 -42.04 2.02 -11.96
CA LEU D 9 -42.65 0.75 -12.34
C LEU D 9 -42.51 0.48 -13.84
N SER D 10 -42.54 1.55 -14.64
CA SER D 10 -42.40 1.40 -16.08
C SER D 10 -40.99 0.95 -16.43
N ARG D 11 -39.99 1.58 -15.80
CA ARG D 11 -38.60 1.22 -16.01
C ARG D 11 -38.32 -0.20 -15.49
N LEU D 12 -38.84 -0.51 -14.31
CA LEU D 12 -38.66 -1.82 -13.71
C LEU D 12 -39.33 -2.90 -14.56
N ALA D 13 -40.42 -2.54 -15.22
CA ALA D 13 -41.12 -3.48 -16.09
C ALA D 13 -40.21 -3.96 -17.21
N GLN D 14 -39.54 -3.03 -17.88
CA GLN D 14 -38.66 -3.37 -18.99
C GLN D 14 -37.36 -4.01 -18.49
N GLU D 15 -36.91 -3.63 -17.30
CA GLU D 15 -35.76 -4.27 -16.70
C GLU D 15 -36.06 -5.76 -16.53
N ARG D 16 -37.27 -6.06 -16.07
CA ARG D 16 -37.69 -7.45 -15.88
C ARG D 16 -37.78 -8.18 -17.22
N ARG D 17 -38.22 -7.49 -18.26
CA ARG D 17 -38.33 -8.11 -19.58
C ARG D 17 -36.94 -8.42 -20.12
N ALA D 18 -36.03 -7.46 -19.96
CA ALA D 18 -34.67 -7.62 -20.44
C ALA D 18 -33.99 -8.82 -19.78
N TRP D 19 -34.30 -9.05 -18.51
CA TRP D 19 -33.65 -10.10 -17.75
C TRP D 19 -34.12 -11.48 -18.21
N ARG D 20 -35.38 -11.57 -18.62
CA ARG D 20 -35.96 -12.84 -19.01
C ARG D 20 -35.45 -13.29 -20.38
N LYS D 21 -35.16 -12.32 -21.25
CA LYS D 21 -34.59 -12.65 -22.55
C LYS D 21 -33.16 -13.16 -22.40
N ASP D 22 -32.39 -12.54 -21.51
CA ASP D 22 -30.98 -12.89 -21.36
C ASP D 22 -30.38 -12.25 -20.11
N HIS D 23 -29.44 -12.97 -19.50
CA HIS D 23 -28.85 -12.54 -18.24
C HIS D 23 -27.48 -13.18 -18.06
N PRO D 24 -26.61 -12.58 -17.25
CA PRO D 24 -25.31 -13.18 -16.94
C PRO D 24 -25.46 -14.53 -16.22
N PHE D 25 -24.68 -15.51 -16.64
CA PHE D 25 -24.88 -16.89 -16.19
C PHE D 25 -24.74 -17.06 -14.68
N GLY D 26 -25.73 -17.70 -14.08
CA GLY D 26 -25.69 -17.99 -12.65
C GLY D 26 -26.36 -16.94 -11.79
N PHE D 27 -26.56 -15.75 -12.35
CA PHE D 27 -27.21 -14.66 -11.63
C PHE D 27 -28.71 -14.88 -11.55
N VAL D 28 -29.33 -14.35 -10.50
CA VAL D 28 -30.77 -14.46 -10.30
C VAL D 28 -31.32 -13.09 -9.95
N ALA D 29 -32.51 -12.78 -10.49
CA ALA D 29 -33.16 -11.52 -10.20
C ALA D 29 -34.66 -11.62 -10.47
N VAL D 30 -35.44 -11.72 -9.40
CA VAL D 30 -36.88 -11.92 -9.51
C VAL D 30 -37.61 -10.90 -8.65
N PRO D 31 -38.61 -10.20 -9.22
CA PRO D 31 -39.45 -9.39 -8.34
C PRO D 31 -40.16 -10.25 -7.31
N THR D 32 -40.54 -9.67 -6.17
CA THR D 32 -41.23 -10.43 -5.15
C THR D 32 -42.75 -10.27 -5.30
N LYS D 33 -43.49 -10.90 -4.40
CA LYS D 33 -44.95 -10.89 -4.48
C LYS D 33 -45.55 -10.04 -3.37
N ASN D 34 -46.57 -9.27 -3.71
CA ASN D 34 -47.37 -8.57 -2.71
C ASN D 34 -48.28 -9.57 -2.02
N PRO D 35 -48.81 -9.22 -0.84
CA PRO D 35 -49.75 -10.12 -0.13
C PRO D 35 -50.86 -10.63 -1.04
N ASP D 36 -51.41 -9.75 -1.88
CA ASP D 36 -52.50 -10.12 -2.77
C ASP D 36 -52.05 -11.04 -3.90
N GLY D 37 -50.73 -11.24 -4.03
CA GLY D 37 -50.19 -12.16 -5.00
C GLY D 37 -49.69 -11.52 -6.29
N THR D 38 -49.92 -10.21 -6.42
CA THR D 38 -49.42 -9.49 -7.58
C THR D 38 -47.92 -9.22 -7.42
N MET D 39 -47.25 -8.92 -8.53
CA MET D 39 -45.82 -8.68 -8.49
C MET D 39 -45.49 -7.37 -7.77
N ASN D 40 -44.50 -7.43 -6.88
CA ASN D 40 -43.95 -6.24 -6.27
C ASN D 40 -42.64 -5.89 -6.95
N LEU D 41 -42.69 -4.96 -7.89
CA LEU D 41 -41.53 -4.63 -8.70
C LEU D 41 -40.53 -3.77 -7.94
N MET D 42 -40.91 -3.34 -6.75
CA MET D 42 -40.07 -2.45 -5.95
C MET D 42 -39.13 -3.24 -5.04
N ASN D 43 -39.30 -4.56 -5.01
CA ASN D 43 -38.55 -5.43 -4.11
C ASN D 43 -38.16 -6.71 -4.84
N TRP D 44 -36.91 -6.79 -5.27
CA TRP D 44 -36.43 -7.99 -5.97
C TRP D 44 -35.55 -8.85 -5.08
N GLU D 45 -35.67 -10.16 -5.26
CA GLU D 45 -34.79 -11.11 -4.59
C GLU D 45 -33.78 -11.64 -5.61
N CYS D 46 -32.51 -11.30 -5.38
CA CYS D 46 -31.46 -11.61 -6.34
C CYS D 46 -30.41 -12.53 -5.73
N ALA D 47 -29.54 -13.07 -6.59
CA ALA D 47 -28.42 -13.88 -6.14
C ALA D 47 -27.23 -13.66 -7.06
N ILE D 48 -26.04 -13.61 -6.47
CA ILE D 48 -24.80 -13.39 -7.23
C ILE D 48 -23.87 -14.59 -7.06
N PRO D 49 -23.49 -15.24 -8.18
CA PRO D 49 -22.51 -16.32 -8.05
C PRO D 49 -21.10 -15.79 -7.84
N GLY D 50 -20.29 -16.51 -7.06
CA GLY D 50 -18.91 -16.14 -6.89
C GLY D 50 -18.19 -16.24 -8.22
N LYS D 51 -17.20 -15.37 -8.44
CA LYS D 51 -16.48 -15.34 -9.71
C LYS D 51 -15.50 -16.52 -9.77
N LYS D 52 -15.50 -17.22 -10.90
CA LYS D 52 -14.61 -18.36 -11.08
C LYS D 52 -13.16 -17.90 -11.00
N GLY D 53 -12.35 -18.64 -10.24
CA GLY D 53 -10.96 -18.28 -10.04
C GLY D 53 -10.71 -17.42 -8.81
N THR D 54 -11.74 -17.26 -7.99
CA THR D 54 -11.62 -16.48 -6.76
C THR D 54 -12.06 -17.33 -5.57
N PRO D 55 -11.71 -16.91 -4.34
CA PRO D 55 -12.17 -17.62 -3.15
C PRO D 55 -13.69 -17.61 -3.01
N TRP D 56 -14.37 -16.78 -3.79
CA TRP D 56 -15.83 -16.70 -3.75
C TRP D 56 -16.48 -17.77 -4.63
N GLU D 57 -15.69 -18.37 -5.52
CA GLU D 57 -16.20 -19.36 -6.45
C GLU D 57 -16.97 -20.46 -5.74
N GLY D 58 -18.12 -20.83 -6.31
CA GLY D 58 -18.92 -21.91 -5.77
C GLY D 58 -20.12 -21.43 -4.97
N GLY D 59 -20.02 -20.21 -4.44
CA GLY D 59 -21.09 -19.65 -3.64
C GLY D 59 -22.13 -18.93 -4.47
N LEU D 60 -23.38 -19.01 -4.01
CA LEU D 60 -24.47 -18.23 -4.59
C LEU D 60 -25.02 -17.35 -3.49
N PHE D 61 -24.74 -16.04 -3.57
CA PHE D 61 -24.99 -15.13 -2.47
C PHE D 61 -26.26 -14.31 -2.68
N LYS D 62 -27.22 -14.48 -1.79
CA LYS D 62 -28.52 -13.84 -1.94
C LYS D 62 -28.47 -12.38 -1.54
N LEU D 63 -29.27 -11.57 -2.23
CA LEU D 63 -29.23 -10.14 -2.08
C LEU D 63 -30.58 -9.55 -2.47
N ARG D 64 -31.10 -8.67 -1.63
CA ARG D 64 -32.37 -8.03 -1.90
C ARG D 64 -32.10 -6.64 -2.47
N MET D 65 -32.96 -6.22 -3.39
CA MET D 65 -32.78 -4.96 -4.10
C MET D 65 -34.06 -4.13 -3.94
N LEU D 66 -33.94 -3.03 -3.20
CA LEU D 66 -35.10 -2.22 -2.85
C LEU D 66 -35.09 -0.89 -3.59
N PHE D 67 -36.12 -0.66 -4.40
CA PHE D 67 -36.21 0.54 -5.22
C PHE D 67 -37.13 1.58 -4.58
N LYS D 68 -36.72 2.84 -4.65
CA LYS D 68 -37.56 3.95 -4.19
C LYS D 68 -38.45 4.42 -5.32
N ASP D 69 -39.47 5.21 -5.00
CA ASP D 69 -40.40 5.70 -6.00
C ASP D 69 -39.70 6.61 -7.02
N ASP D 70 -38.66 7.32 -6.59
CA ASP D 70 -37.95 8.23 -7.47
C ASP D 70 -36.94 7.51 -8.37
N TYR D 71 -36.92 6.18 -8.31
CA TYR D 71 -36.14 5.37 -9.25
C TYR D 71 -36.63 5.70 -10.66
N PRO D 72 -35.71 5.75 -11.65
CA PRO D 72 -34.27 5.49 -11.61
C PRO D 72 -33.39 6.72 -11.37
N SER D 73 -33.95 7.79 -10.82
CA SER D 73 -33.14 8.96 -10.48
C SER D 73 -32.24 8.61 -9.30
N SER D 74 -32.71 7.71 -8.44
CA SER D 74 -31.94 7.24 -7.31
C SER D 74 -31.61 5.76 -7.49
N PRO D 75 -30.48 5.31 -6.92
CA PRO D 75 -30.15 3.88 -7.00
C PRO D 75 -31.03 3.04 -6.08
N PRO D 76 -31.10 1.73 -6.33
CA PRO D 76 -31.72 0.84 -5.35
C PRO D 76 -30.81 0.59 -4.16
N LYS D 77 -31.40 0.18 -3.04
CA LYS D 77 -30.60 -0.23 -1.89
C LYS D 77 -30.40 -1.74 -1.99
N CYS D 78 -29.15 -2.17 -2.02
CA CYS D 78 -28.84 -3.58 -2.19
C CYS D 78 -28.28 -4.15 -0.90
N LYS D 79 -28.88 -5.25 -0.44
CA LYS D 79 -28.54 -5.81 0.86
C LYS D 79 -28.40 -7.32 0.79
N PHE D 80 -27.22 -7.82 1.16
CA PHE D 80 -27.00 -9.26 1.23
C PHE D 80 -27.79 -9.86 2.38
N GLU D 81 -28.49 -10.96 2.09
CA GLU D 81 -29.27 -11.68 3.08
C GLU D 81 -28.89 -13.16 3.08
N PRO D 82 -28.18 -13.62 4.13
CA PRO D 82 -27.73 -12.86 5.30
C PRO D 82 -26.59 -11.90 4.97
N PRO D 83 -26.23 -11.02 5.91
CA PRO D 83 -25.10 -10.13 5.70
C PRO D 83 -23.83 -10.89 5.36
N LEU D 84 -23.05 -10.39 4.40
CA LEU D 84 -21.84 -11.06 3.98
C LEU D 84 -20.62 -10.52 4.70
N PHE D 85 -19.65 -11.42 4.89
CA PHE D 85 -18.33 -11.07 5.37
C PHE D 85 -17.55 -10.47 4.20
N HIS D 86 -17.45 -9.14 4.19
CA HIS D 86 -16.74 -8.43 3.14
C HIS D 86 -16.43 -7.01 3.64
N PRO D 87 -15.24 -6.47 3.33
CA PRO D 87 -14.85 -5.16 3.88
C PRO D 87 -15.79 -4.00 3.55
N ASN D 88 -16.52 -4.09 2.44
CA ASN D 88 -17.35 -3.00 1.96
C ASN D 88 -18.84 -3.33 2.04
N VAL D 89 -19.19 -4.26 2.90
CA VAL D 89 -20.57 -4.55 3.19
C VAL D 89 -20.86 -4.21 4.65
N TYR D 90 -21.84 -3.33 4.87
CA TYR D 90 -22.23 -2.95 6.22
C TYR D 90 -22.70 -4.18 6.99
N PRO D 91 -22.65 -4.10 8.33
CA PRO D 91 -23.17 -5.22 9.14
C PRO D 91 -24.66 -5.45 8.91
N SER D 92 -25.35 -4.44 8.38
CA SER D 92 -26.76 -4.59 8.03
C SER D 92 -26.92 -5.45 6.77
N GLY D 93 -25.84 -5.60 6.01
CA GLY D 93 -25.88 -6.33 4.75
C GLY D 93 -25.87 -5.41 3.55
N THR D 94 -26.05 -4.11 3.80
CA THR D 94 -26.09 -3.12 2.73
C THR D 94 -24.73 -2.98 2.04
N VAL D 95 -24.74 -3.11 0.72
CA VAL D 95 -23.53 -2.99 -0.09
C VAL D 95 -23.19 -1.52 -0.28
N CYS D 96 -21.94 -1.16 -0.04
CA CYS D 96 -21.49 0.20 -0.25
C CYS D 96 -20.58 0.27 -1.48
N LEU D 97 -21.13 0.77 -2.57
CA LEU D 97 -20.42 0.79 -3.85
C LEU D 97 -20.72 2.10 -4.59
N SER D 98 -19.69 2.68 -5.20
CA SER D 98 -19.77 4.00 -5.80
C SER D 98 -20.89 4.13 -6.83
N ILE D 99 -21.11 3.09 -7.63
CA ILE D 99 -22.15 3.13 -8.65
C ILE D 99 -23.54 3.04 -8.03
N LEU D 100 -23.60 2.75 -6.73
CA LEU D 100 -24.87 2.65 -6.02
C LEU D 100 -25.08 3.84 -5.10
N GLU D 101 -24.29 4.90 -5.30
CA GLU D 101 -24.42 6.13 -4.52
C GLU D 101 -24.88 7.26 -5.45
N GLU D 102 -26.06 7.79 -5.16
CA GLU D 102 -26.65 8.82 -6.02
C GLU D 102 -25.72 10.03 -6.16
N ASP D 103 -24.91 10.26 -5.14
CA ASP D 103 -24.01 11.41 -5.12
C ASP D 103 -22.62 11.07 -5.65
N LYS D 104 -22.49 9.97 -6.38
CA LYS D 104 -21.20 9.58 -6.95
C LYS D 104 -21.33 9.06 -8.37
N ASP D 105 -21.29 7.74 -8.54
CA ASP D 105 -21.22 7.16 -9.88
C ASP D 105 -22.56 6.61 -10.40
N TRP D 106 -23.59 6.61 -9.56
CA TRP D 106 -24.89 6.15 -10.03
C TRP D 106 -25.41 7.00 -11.17
N ARG D 107 -26.03 6.35 -12.14
CA ARG D 107 -26.68 7.03 -13.25
C ARG D 107 -27.97 6.27 -13.59
N PRO D 108 -29.02 6.99 -14.02
CA PRO D 108 -30.29 6.31 -14.28
C PRO D 108 -30.18 5.20 -15.33
N ALA D 109 -29.27 5.36 -16.29
CA ALA D 109 -29.16 4.41 -17.39
C ALA D 109 -28.63 3.05 -16.93
N ILE D 110 -28.06 2.99 -15.73
CA ILE D 110 -27.49 1.75 -15.23
C ILE D 110 -28.59 0.72 -15.06
N THR D 111 -28.33 -0.49 -15.54
CA THR D 111 -29.31 -1.57 -15.51
C THR D 111 -29.11 -2.45 -14.28
N ILE D 112 -30.06 -3.35 -14.05
CA ILE D 112 -29.98 -4.28 -12.94
C ILE D 112 -28.87 -5.28 -13.20
N LYS D 113 -28.71 -5.69 -14.46
CA LYS D 113 -27.63 -6.59 -14.81
C LYS D 113 -26.28 -5.99 -14.43
N GLN D 114 -26.12 -4.69 -14.67
CA GLN D 114 -24.86 -4.02 -14.43
C GLN D 114 -24.62 -3.80 -12.95
N ILE D 115 -25.70 -3.56 -12.21
CA ILE D 115 -25.62 -3.45 -10.76
C ILE D 115 -25.06 -4.75 -10.19
N LEU D 116 -25.69 -5.86 -10.55
CA LEU D 116 -25.31 -7.16 -10.01
C LEU D 116 -23.92 -7.59 -10.47
N LEU D 117 -23.53 -7.19 -11.69
CA LEU D 117 -22.19 -7.49 -12.19
C LEU D 117 -21.15 -6.66 -11.45
N GLY D 118 -21.50 -5.41 -11.16
CA GLY D 118 -20.62 -4.53 -10.40
C GLY D 118 -20.38 -5.04 -8.99
N ILE D 119 -21.45 -5.53 -8.35
CA ILE D 119 -21.35 -6.04 -6.99
C ILE D 119 -20.48 -7.29 -6.98
N GLN D 120 -20.67 -8.16 -7.96
CA GLN D 120 -19.84 -9.36 -8.07
C GLN D 120 -18.37 -8.97 -8.19
N GLU D 121 -18.10 -7.93 -8.97
CA GLU D 121 -16.74 -7.46 -9.18
C GLU D 121 -16.15 -7.01 -7.85
N LEU D 122 -16.99 -6.38 -7.03
CA LEU D 122 -16.57 -5.86 -5.73
C LEU D 122 -16.11 -6.97 -4.78
N LEU D 123 -16.72 -8.15 -4.90
CA LEU D 123 -16.48 -9.23 -3.96
C LEU D 123 -15.00 -9.52 -3.78
N ASN D 124 -14.27 -9.67 -4.88
CA ASN D 124 -12.85 -9.99 -4.80
C ASN D 124 -11.98 -8.77 -5.10
N GLU D 125 -12.60 -7.59 -5.09
CA GLU D 125 -11.89 -6.34 -5.33
C GLU D 125 -12.31 -5.30 -4.29
N PRO D 126 -12.05 -5.59 -3.00
CA PRO D 126 -12.43 -4.68 -1.92
C PRO D 126 -11.61 -3.40 -1.87
N ASN D 127 -12.20 -2.33 -1.34
CA ASN D 127 -11.47 -1.10 -1.05
C ASN D 127 -11.23 -1.06 0.46
N ILE D 128 -10.04 -1.50 0.87
CA ILE D 128 -9.75 -1.69 2.29
C ILE D 128 -9.57 -0.37 3.03
N GLN D 129 -9.32 0.71 2.29
CA GLN D 129 -9.10 2.02 2.92
C GLN D 129 -10.40 2.68 3.35
N ASP D 130 -11.54 2.16 2.88
CA ASP D 130 -12.84 2.70 3.27
C ASP D 130 -13.77 1.55 3.64
N PRO D 131 -13.46 0.85 4.73
CA PRO D 131 -14.29 -0.30 5.15
C PRO D 131 -15.68 0.12 5.62
N ALA D 132 -16.67 -0.74 5.39
CA ALA D 132 -18.02 -0.50 5.85
C ALA D 132 -18.32 -1.32 7.11
N GLN D 133 -17.42 -2.24 7.44
CA GLN D 133 -17.56 -3.07 8.63
C GLN D 133 -16.20 -3.27 9.26
N ALA D 134 -16.18 -3.54 10.56
CA ALA D 134 -14.94 -3.69 11.31
C ALA D 134 -14.35 -5.10 11.18
N GLU D 135 -15.20 -6.12 11.17
CA GLU D 135 -14.72 -7.50 11.22
CA GLU D 135 -14.73 -7.50 11.22
C GLU D 135 -13.88 -7.85 10.01
N ALA D 136 -14.44 -7.70 8.82
CA ALA D 136 -13.73 -8.05 7.58
C ALA D 136 -12.44 -7.24 7.46
N TYR D 137 -12.49 -5.96 7.81
CA TYR D 137 -11.32 -5.10 7.71
C TYR D 137 -10.19 -5.63 8.59
N THR D 138 -10.52 -5.97 9.84
CA THR D 138 -9.50 -6.34 10.81
C THR D 138 -8.76 -7.60 10.36
N ILE D 139 -9.50 -8.58 9.88
CA ILE D 139 -8.91 -9.86 9.52
C ILE D 139 -8.12 -9.72 8.22
N TYR D 140 -8.66 -8.95 7.27
CA TYR D 140 -7.97 -8.69 6.02
C TYR D 140 -6.58 -8.14 6.29
N CYS D 141 -6.49 -7.20 7.22
CA CYS D 141 -5.25 -6.48 7.48
C CYS D 141 -4.31 -7.22 8.42
N GLN D 142 -4.86 -8.00 9.34
CA GLN D 142 -4.04 -8.65 10.36
C GLN D 142 -3.67 -10.08 9.99
N ASN D 143 -4.44 -10.71 9.10
CA ASN D 143 -4.19 -12.10 8.73
C ASN D 143 -4.87 -12.44 7.41
N ARG D 144 -4.18 -12.16 6.31
CA ARG D 144 -4.76 -12.31 4.99
CA ARG D 144 -4.75 -12.31 4.98
C ARG D 144 -5.13 -13.76 4.66
N VAL D 145 -4.33 -14.72 5.11
CA VAL D 145 -4.64 -16.11 4.80
C VAL D 145 -5.92 -16.52 5.52
N GLU D 146 -6.09 -16.04 6.75
CA GLU D 146 -7.32 -16.31 7.49
C GLU D 146 -8.51 -15.64 6.79
N TYR D 147 -8.30 -14.43 6.28
CA TYR D 147 -9.33 -13.73 5.53
C TYR D 147 -9.81 -14.61 4.37
N GLU D 148 -8.87 -15.05 3.53
CA GLU D 148 -9.19 -15.88 2.39
C GLU D 148 -9.92 -17.16 2.83
N LYS D 149 -9.44 -17.73 3.93
CA LYS D 149 -10.05 -18.93 4.51
C LYS D 149 -11.51 -18.67 4.88
N ARG D 150 -11.76 -17.53 5.51
CA ARG D 150 -13.12 -17.12 5.84
CA ARG D 150 -13.12 -17.11 5.84
C ARG D 150 -13.98 -17.02 4.59
N VAL D 151 -13.44 -16.37 3.56
CA VAL D 151 -14.18 -16.15 2.33
C VAL D 151 -14.58 -17.48 1.73
N ARG D 152 -13.65 -18.43 1.75
CA ARG D 152 -13.91 -19.75 1.18
C ARG D 152 -14.95 -20.52 1.98
N ALA D 153 -14.84 -20.48 3.30
CA ALA D 153 -15.81 -21.14 4.16
C ALA D 153 -17.20 -20.57 3.89
N GLN D 154 -17.25 -19.25 3.74
CA GLN D 154 -18.51 -18.57 3.48
C GLN D 154 -19.07 -18.98 2.11
N ALA D 155 -18.19 -19.06 1.12
CA ALA D 155 -18.60 -19.48 -0.21
C ALA D 155 -19.20 -20.89 -0.17
N LYS D 156 -18.51 -21.78 0.55
CA LYS D 156 -18.97 -23.16 0.69
C LYS D 156 -20.31 -23.20 1.44
N LYS D 157 -20.44 -22.35 2.44
CA LYS D 157 -21.66 -22.30 3.24
C LYS D 157 -22.89 -22.00 2.38
N PHE D 158 -22.71 -21.18 1.36
CA PHE D 158 -23.82 -20.77 0.50
C PHE D 158 -23.74 -21.37 -0.90
N ALA D 159 -23.01 -22.47 -1.03
CA ALA D 159 -22.97 -23.22 -2.29
C ALA D 159 -24.28 -23.99 -2.45
N PRO D 160 -25.00 -23.80 -3.56
CA PRO D 160 -26.30 -24.43 -3.72
C PRO D 160 -26.24 -25.93 -3.99
N MET E 4 -1.05 -2.47 -48.67
CA MET E 4 -1.24 -2.78 -47.26
C MET E 4 -2.72 -2.97 -46.95
N ASN E 5 -3.01 -3.29 -45.70
CA ASN E 5 -4.39 -3.52 -45.27
C ASN E 5 -5.07 -2.24 -44.81
N ASP E 6 -6.35 -2.12 -45.15
CA ASP E 6 -7.19 -1.05 -44.67
C ASP E 6 -7.37 -1.17 -43.15
N HIS E 7 -7.25 -2.40 -42.66
CA HIS E 7 -7.65 -2.74 -41.31
C HIS E 7 -6.53 -3.40 -40.50
N ILE E 8 -6.71 -3.45 -39.19
CA ILE E 8 -5.76 -4.13 -38.30
C ILE E 8 -6.52 -4.83 -37.17
N ASN E 9 -5.81 -5.70 -36.46
CA ASN E 9 -6.36 -6.39 -35.32
C ASN E 9 -5.90 -5.73 -34.02
N LEU E 10 -6.87 -5.43 -33.14
CA LEU E 10 -6.58 -4.89 -31.82
C LEU E 10 -7.20 -5.78 -30.76
N LYS E 11 -6.52 -5.88 -29.62
CA LYS E 11 -7.00 -6.71 -28.51
C LYS E 11 -7.32 -5.84 -27.30
N VAL E 12 -8.33 -6.25 -26.54
CA VAL E 12 -8.67 -5.58 -25.29
C VAL E 12 -8.46 -6.55 -24.14
N ALA E 13 -7.58 -6.20 -23.22
CA ALA E 13 -7.32 -7.03 -22.04
C ALA E 13 -7.94 -6.40 -20.79
N GLY E 14 -8.64 -7.21 -20.00
CA GLY E 14 -9.18 -6.78 -18.73
C GLY E 14 -8.33 -7.26 -17.57
N GLN E 15 -8.63 -6.80 -16.36
CA GLN E 15 -7.85 -7.16 -15.20
C GLN E 15 -7.91 -8.66 -14.91
N ASP E 16 -9.04 -9.28 -15.28
CA ASP E 16 -9.23 -10.70 -15.01
C ASP E 16 -8.51 -11.58 -16.04
N GLY E 17 -7.75 -10.96 -16.94
CA GLY E 17 -6.96 -11.71 -17.91
C GLY E 17 -7.67 -11.99 -19.20
N SER E 18 -8.97 -11.66 -19.26
CA SER E 18 -9.76 -11.88 -20.46
C SER E 18 -9.23 -11.03 -21.60
N VAL E 19 -9.26 -11.60 -22.80
CA VAL E 19 -8.83 -10.89 -24.00
C VAL E 19 -9.89 -11.03 -25.10
N VAL E 20 -10.26 -9.90 -25.69
CA VAL E 20 -11.18 -9.87 -26.81
C VAL E 20 -10.48 -9.16 -27.98
N GLN E 21 -10.58 -9.72 -29.17
CA GLN E 21 -9.88 -9.18 -30.33
C GLN E 21 -10.84 -8.62 -31.37
N PHE E 22 -10.49 -7.45 -31.90
CA PHE E 22 -11.33 -6.77 -32.87
C PHE E 22 -10.61 -6.51 -34.19
N LYS E 23 -11.30 -6.72 -35.30
CA LYS E 23 -10.82 -6.27 -36.60
C LYS E 23 -11.45 -4.92 -36.92
N ILE E 24 -10.61 -3.91 -37.16
CA ILE E 24 -11.10 -2.55 -37.32
C ILE E 24 -10.30 -1.80 -38.39
N LYS E 25 -10.97 -0.88 -39.08
CA LYS E 25 -10.31 -0.04 -40.07
C LYS E 25 -9.41 0.99 -39.38
N ARG E 26 -8.27 1.29 -39.98
CA ARG E 26 -7.29 2.20 -39.39
C ARG E 26 -7.87 3.59 -39.08
N HIS E 27 -8.91 3.97 -39.80
CA HIS E 27 -9.48 5.32 -39.65
C HIS E 27 -10.88 5.32 -39.04
N THR E 28 -11.30 4.18 -38.51
CA THR E 28 -12.58 4.10 -37.80
C THR E 28 -12.39 4.64 -36.38
N PRO E 29 -13.28 5.56 -35.94
CA PRO E 29 -13.16 6.01 -34.55
C PRO E 29 -13.27 4.84 -33.57
N LEU E 30 -12.40 4.82 -32.57
CA LEU E 30 -12.32 3.70 -31.65
C LEU E 30 -13.57 3.56 -30.77
N SER E 31 -14.45 4.55 -30.84
CA SER E 31 -15.71 4.48 -30.13
C SER E 31 -16.49 3.24 -30.57
N LYS E 32 -16.29 2.82 -31.80
CA LYS E 32 -16.99 1.65 -32.32
C LYS E 32 -16.50 0.40 -31.59
N LEU E 33 -15.20 0.35 -31.33
CA LEU E 33 -14.60 -0.79 -30.64
C LEU E 33 -15.03 -0.83 -29.19
N MET E 34 -15.08 0.34 -28.55
CA MET E 34 -15.42 0.43 -27.14
C MET E 34 -16.89 0.05 -26.91
N LYS E 35 -17.77 0.52 -27.79
CA LYS E 35 -19.18 0.16 -27.69
C LYS E 35 -19.37 -1.34 -27.90
N ALA E 36 -18.62 -1.90 -28.85
CA ALA E 36 -18.71 -3.33 -29.15
C ALA E 36 -18.21 -4.16 -27.96
N TYR E 37 -17.16 -3.70 -27.31
CA TYR E 37 -16.66 -4.37 -26.11
C TYR E 37 -17.70 -4.29 -25.00
N CYS E 38 -18.30 -3.12 -24.82
CA CYS E 38 -19.33 -2.93 -23.81
C CYS E 38 -20.52 -3.86 -24.05
N GLU E 39 -20.95 -3.98 -25.29
CA GLU E 39 -22.06 -4.85 -25.64
C GLU E 39 -21.69 -6.29 -25.29
N ARG E 40 -20.46 -6.67 -25.63
CA ARG E 40 -19.98 -8.03 -25.39
C ARG E 40 -20.00 -8.36 -23.91
N GLN E 41 -19.44 -7.47 -23.10
CA GLN E 41 -19.32 -7.71 -21.66
C GLN E 41 -20.57 -7.25 -20.91
N GLY E 42 -21.53 -6.68 -21.64
CA GLY E 42 -22.77 -6.23 -21.02
C GLY E 42 -22.59 -5.05 -20.09
N LEU E 43 -21.54 -4.26 -20.31
CA LEU E 43 -21.28 -3.09 -19.49
C LEU E 43 -21.65 -1.80 -20.20
N SER E 44 -21.50 -0.68 -19.50
CA SER E 44 -21.78 0.64 -20.08
C SER E 44 -20.49 1.44 -20.20
N MET E 45 -20.46 2.34 -21.18
CA MET E 45 -19.26 3.14 -21.46
C MET E 45 -18.71 3.86 -20.22
N ARG E 46 -19.59 4.42 -19.40
CA ARG E 46 -19.14 5.19 -18.25
C ARG E 46 -18.56 4.29 -17.15
N GLN E 47 -18.80 2.98 -17.26
CA GLN E 47 -18.33 2.05 -16.25
C GLN E 47 -16.84 1.72 -16.40
N ILE E 48 -16.30 1.97 -17.59
CA ILE E 48 -14.93 1.56 -17.89
C ILE E 48 -14.15 2.64 -18.61
N ARG E 49 -12.83 2.50 -18.61
CA ARG E 49 -11.94 3.38 -19.37
C ARG E 49 -10.96 2.52 -20.18
N PHE E 50 -10.58 3.00 -21.36
CA PHE E 50 -9.63 2.30 -22.21
C PHE E 50 -8.31 3.06 -22.27
N ARG E 51 -7.20 2.33 -22.21
CA ARG E 51 -5.88 2.94 -22.29
C ARG E 51 -4.95 2.22 -23.25
N PHE E 52 -4.18 3.00 -23.99
CA PHE E 52 -3.12 2.47 -24.85
C PHE E 52 -1.84 3.26 -24.57
N ASP E 53 -0.76 2.52 -24.30
CA ASP E 53 0.50 3.14 -23.89
C ASP E 53 0.28 4.07 -22.71
N GLY E 54 -0.61 3.68 -21.81
CA GLY E 54 -0.85 4.42 -20.59
C GLY E 54 -1.68 5.68 -20.77
N GLN E 55 -2.09 5.97 -22.00
CA GLN E 55 -2.88 7.16 -22.28
C GLN E 55 -4.35 6.83 -22.51
N PRO E 56 -5.27 7.66 -21.99
CA PRO E 56 -6.69 7.37 -22.22
C PRO E 56 -7.06 7.47 -23.69
N ILE E 57 -7.96 6.59 -24.13
CA ILE E 57 -8.44 6.63 -25.50
C ILE E 57 -9.75 7.41 -25.55
N ASN E 58 -9.79 8.44 -26.38
CA ASN E 58 -11.01 9.21 -26.58
C ASN E 58 -11.85 8.54 -27.67
N GLU E 59 -13.16 8.75 -27.60
CA GLU E 59 -14.10 8.13 -28.54
C GLU E 59 -13.78 8.46 -29.99
N THR E 60 -13.24 9.66 -30.24
CA THR E 60 -12.98 10.10 -31.61
C THR E 60 -11.60 9.66 -32.10
N ASP E 61 -10.76 9.21 -31.17
CA ASP E 61 -9.43 8.71 -31.54
C ASP E 61 -9.54 7.50 -32.46
N THR E 62 -8.78 7.52 -33.56
CA THR E 62 -8.71 6.40 -34.47
C THR E 62 -7.38 5.66 -34.27
N PRO E 63 -7.31 4.40 -34.72
CA PRO E 63 -6.05 3.66 -34.61
C PRO E 63 -4.89 4.40 -35.28
N ALA E 64 -5.17 5.06 -36.39
CA ALA E 64 -4.15 5.78 -37.14
C ALA E 64 -3.64 6.97 -36.33
N GLN E 65 -4.57 7.75 -35.78
CA GLN E 65 -4.20 8.93 -34.98
C GLN E 65 -3.34 8.53 -33.79
N LEU E 66 -3.61 7.38 -33.19
CA LEU E 66 -2.83 6.90 -32.05
C LEU E 66 -1.62 6.08 -32.50
N GLU E 67 -1.40 6.03 -33.81
CA GLU E 67 -0.25 5.32 -34.35
C GLU E 67 -0.21 3.88 -33.86
N MET E 68 -1.38 3.25 -33.76
CA MET E 68 -1.47 1.85 -33.35
C MET E 68 -0.98 0.92 -34.44
N GLU E 69 -0.63 -0.29 -34.05
CA GLU E 69 -0.15 -1.30 -34.99
C GLU E 69 -0.88 -2.62 -34.77
N ASP E 70 -0.80 -3.50 -35.77
CA ASP E 70 -1.45 -4.80 -35.72
C ASP E 70 -1.07 -5.54 -34.44
N GLU E 71 -2.08 -6.11 -33.78
CA GLU E 71 -1.92 -6.93 -32.58
C GLU E 71 -1.64 -6.10 -31.31
N ASP E 72 -1.74 -4.78 -31.40
CA ASP E 72 -1.65 -3.94 -30.21
C ASP E 72 -2.74 -4.32 -29.22
N THR E 73 -2.41 -4.24 -27.93
CA THR E 73 -3.38 -4.54 -26.89
C THR E 73 -3.80 -3.28 -26.15
N ILE E 74 -5.11 -3.12 -26.00
CA ILE E 74 -5.68 -2.04 -25.21
C ILE E 74 -6.02 -2.60 -23.84
N ASP E 75 -5.71 -1.85 -22.79
CA ASP E 75 -6.07 -2.23 -21.43
C ASP E 75 -7.35 -1.52 -21.01
N VAL E 76 -8.30 -2.28 -20.47
CA VAL E 76 -9.59 -1.72 -20.04
C VAL E 76 -9.73 -1.80 -18.52
N PHE E 77 -10.19 -0.71 -17.93
CA PHE E 77 -10.25 -0.58 -16.47
C PHE E 77 -11.65 -0.25 -16.00
N GLN E 78 -12.12 -0.94 -14.96
CA GLN E 78 -13.40 -0.58 -14.34
C GLN E 78 -13.18 0.53 -13.30
N GLN E 79 -14.13 1.46 -13.24
CA GLN E 79 -13.95 2.68 -12.47
C GLN E 79 -14.56 2.62 -11.07
N GLN E 80 -15.48 1.69 -10.85
CA GLN E 80 -16.19 1.63 -9.57
C GLN E 80 -15.24 1.35 -8.41
N THR E 81 -15.63 1.79 -7.23
CA THR E 81 -14.89 1.48 -6.01
C THR E 81 -15.85 1.25 -4.84
N GLY E 82 -15.53 0.27 -4.00
CA GLY E 82 -16.29 0.04 -2.80
C GLY E 82 -16.02 1.11 -1.76
N GLY E 83 -16.91 1.23 -0.79
CA GLY E 83 -16.74 2.20 0.28
C GLY E 83 -17.31 1.70 1.61
N PRO F 15 -31.68 11.51 38.91
CA PRO F 15 -31.45 12.85 39.44
C PRO F 15 -31.51 13.95 38.38
N ALA F 16 -30.82 15.07 38.65
CA ALA F 16 -30.87 16.24 37.76
C ALA F 16 -29.49 16.85 37.52
N ASP F 17 -28.63 16.87 38.54
CA ASP F 17 -27.28 17.33 38.34
C ASP F 17 -26.49 16.26 37.60
N VAL F 18 -26.95 15.02 37.66
CA VAL F 18 -26.32 13.96 36.89
C VAL F 18 -26.75 14.11 35.43
N SER F 19 -27.99 14.52 35.22
CA SER F 19 -28.50 14.74 33.88
C SER F 19 -27.87 15.97 33.25
N THR F 20 -27.60 16.98 34.08
CA THR F 20 -26.99 18.22 33.62
C THR F 20 -25.58 17.93 33.10
N PHE F 21 -24.84 17.10 33.83
CA PHE F 21 -23.50 16.70 33.41
C PHE F 21 -23.54 16.03 32.04
N LEU F 22 -24.35 14.97 31.94
CA LEU F 22 -24.47 14.22 30.70
C LEU F 22 -24.86 15.11 29.53
N ALA F 23 -25.73 16.08 29.79
CA ALA F 23 -26.19 17.00 28.74
C ALA F 23 -25.06 17.90 28.27
N PHE F 24 -24.29 18.42 29.22
CA PHE F 24 -23.21 19.36 28.93
C PHE F 24 -22.01 19.03 29.81
N PRO F 25 -21.23 18.01 29.43
CA PRO F 25 -20.11 17.56 30.26
C PRO F 25 -19.05 18.62 30.50
N SER F 26 -18.51 18.62 31.71
CA SER F 26 -17.32 19.40 32.04
C SER F 26 -16.59 18.68 33.17
N PRO F 27 -15.26 18.84 33.22
CA PRO F 27 -14.53 18.20 34.32
C PRO F 27 -14.99 18.69 35.70
N GLU F 28 -15.41 19.95 35.78
CA GLU F 28 -15.88 20.50 37.05
C GLU F 28 -17.18 19.85 37.51
N LYS F 29 -18.12 19.68 36.60
CA LYS F 29 -19.40 19.09 36.94
C LYS F 29 -19.26 17.62 37.32
N LEU F 30 -18.34 16.91 36.69
CA LEU F 30 -18.10 15.51 37.06
C LEU F 30 -17.65 15.43 38.52
N LEU F 31 -16.69 16.28 38.90
CA LEU F 31 -16.21 16.29 40.27
C LEU F 31 -17.31 16.72 41.23
N ARG F 32 -18.12 17.68 40.80
CA ARG F 32 -19.14 18.27 41.66
C ARG F 32 -20.24 17.25 42.00
N LEU F 33 -20.33 16.19 41.22
CA LEU F 33 -21.33 15.16 41.47
C LEU F 33 -21.06 14.45 42.80
N GLY F 34 -19.83 14.54 43.28
CA GLY F 34 -19.47 13.96 44.55
C GLY F 34 -18.76 12.62 44.44
N PRO F 35 -18.51 11.97 45.58
CA PRO F 35 -17.77 10.70 45.60
C PRO F 35 -18.51 9.52 44.98
N LYS F 36 -19.77 9.71 44.63
CA LYS F 36 -20.59 8.64 44.07
C LYS F 36 -20.88 8.83 42.58
N SER F 37 -20.14 9.73 41.92
CA SER F 37 -20.38 10.03 40.51
C SER F 37 -20.37 8.77 39.66
N SER F 38 -19.48 7.84 39.98
CA SER F 38 -19.36 6.59 39.24
C SER F 38 -20.67 5.81 39.20
N VAL F 39 -21.32 5.62 40.35
CA VAL F 39 -22.52 4.80 40.40
C VAL F 39 -23.70 5.58 39.84
N LEU F 40 -23.75 6.88 40.12
CA LEU F 40 -24.87 7.70 39.67
C LEU F 40 -24.95 7.74 38.15
N ILE F 41 -23.80 7.85 37.49
CA ILE F 41 -23.75 7.91 36.05
C ILE F 41 -24.18 6.56 35.48
N ALA F 42 -23.64 5.48 36.05
CA ALA F 42 -23.96 4.13 35.61
C ALA F 42 -25.45 3.84 35.80
N GLN F 43 -25.95 4.06 37.00
CA GLN F 43 -27.36 3.81 37.31
C GLN F 43 -28.29 4.49 36.32
N GLN F 44 -27.92 5.68 35.88
CA GLN F 44 -28.78 6.49 35.03
C GLN F 44 -28.62 6.14 33.55
N THR F 45 -27.67 5.27 33.22
CA THR F 45 -27.46 4.87 31.83
C THR F 45 -28.11 3.52 31.53
N ASP F 46 -28.89 3.47 30.46
CA ASP F 46 -29.46 2.21 30.00
C ASP F 46 -28.36 1.36 29.38
N THR F 47 -27.75 0.51 30.19
CA THR F 47 -26.60 -0.28 29.74
C THR F 47 -27.01 -1.54 28.98
N SER F 48 -28.25 -1.57 28.51
CA SER F 48 -28.71 -2.66 27.65
C SER F 48 -28.63 -2.22 26.19
N ASP F 49 -28.57 -0.91 25.97
CA ASP F 49 -28.48 -0.35 24.64
C ASP F 49 -27.04 0.07 24.33
N PRO F 50 -26.34 -0.70 23.46
CA PRO F 50 -24.95 -0.35 23.11
C PRO F 50 -24.77 1.10 22.65
N GLU F 51 -25.75 1.62 21.92
CA GLU F 51 -25.68 2.98 21.39
C GLU F 51 -25.63 4.00 22.51
N LYS F 52 -26.40 3.75 23.56
CA LYS F 52 -26.46 4.66 24.70
C LYS F 52 -25.22 4.52 25.57
N VAL F 53 -24.64 3.32 25.59
CA VAL F 53 -23.40 3.09 26.33
C VAL F 53 -22.24 3.83 25.64
N VAL F 54 -22.27 3.86 24.31
CA VAL F 54 -21.26 4.59 23.55
C VAL F 54 -21.38 6.07 23.88
N SER F 55 -22.62 6.57 23.84
CA SER F 55 -22.91 7.95 24.15
C SER F 55 -22.39 8.33 25.54
N ALA F 56 -22.72 7.52 26.52
CA ALA F 56 -22.30 7.76 27.90
C ALA F 56 -20.78 7.72 28.02
N PHE F 57 -20.18 6.73 27.37
CA PHE F 57 -18.73 6.57 27.41
C PHE F 57 -18.03 7.82 26.88
N LEU F 58 -18.51 8.35 25.76
CA LEU F 58 -17.88 9.51 25.12
C LEU F 58 -18.12 10.79 25.91
N LYS F 59 -19.33 10.94 26.44
CA LYS F 59 -19.64 12.08 27.29
C LYS F 59 -18.70 12.12 28.48
N VAL F 60 -18.57 11.00 29.17
CA VAL F 60 -17.70 10.89 30.34
C VAL F 60 -16.24 11.14 29.96
N SER F 61 -15.77 10.49 28.90
CA SER F 61 -14.38 10.57 28.52
C SER F 61 -14.00 11.94 27.96
N SER F 62 -15.00 12.70 27.51
CA SER F 62 -14.73 14.00 26.90
C SER F 62 -14.12 14.99 27.88
N VAL F 63 -14.36 14.81 29.17
CA VAL F 63 -13.85 15.75 30.17
C VAL F 63 -12.54 15.27 30.78
N PHE F 64 -11.92 14.27 30.17
CA PHE F 64 -10.68 13.71 30.70
C PHE F 64 -9.57 14.76 30.79
N LYS F 65 -8.85 14.74 31.91
CA LYS F 65 -7.70 15.61 32.13
C LYS F 65 -6.57 14.81 32.75
N ASP F 66 -5.34 15.27 32.57
CA ASP F 66 -4.18 14.62 33.18
C ASP F 66 -4.22 14.74 34.71
N GLU F 67 -4.79 15.84 35.20
CA GLU F 67 -4.87 16.07 36.64
C GLU F 67 -5.46 14.86 37.35
N ALA F 68 -4.80 14.46 38.43
CA ALA F 68 -5.11 13.20 39.11
C ALA F 68 -6.59 13.07 39.48
N THR F 69 -7.17 14.11 40.08
CA THR F 69 -8.54 14.03 40.56
C THR F 69 -9.52 13.75 39.42
N VAL F 70 -9.40 14.50 38.32
CA VAL F 70 -10.31 14.33 37.19
C VAL F 70 -10.02 13.00 36.51
N ARG F 71 -8.74 12.69 36.35
CA ARG F 71 -8.31 11.44 35.72
C ARG F 71 -9.00 10.23 36.37
N MET F 72 -8.88 10.13 37.69
CA MET F 72 -9.44 8.99 38.41
C MET F 72 -10.96 8.99 38.35
N ALA F 73 -11.56 10.18 38.34
CA ALA F 73 -13.02 10.28 38.29
C ALA F 73 -13.54 9.76 36.96
N VAL F 74 -12.83 10.06 35.87
CA VAL F 74 -13.25 9.60 34.56
C VAL F 74 -13.06 8.09 34.47
N GLN F 75 -11.86 7.64 34.84
CA GLN F 75 -11.55 6.22 34.82
C GLN F 75 -12.52 5.41 35.68
N ASP F 76 -12.79 5.89 36.90
CA ASP F 76 -13.73 5.23 37.79
C ASP F 76 -15.12 5.15 37.16
N ALA F 77 -15.51 6.22 36.48
CA ALA F 77 -16.83 6.29 35.84
C ALA F 77 -16.91 5.33 34.67
N VAL F 78 -15.82 5.21 33.91
CA VAL F 78 -15.78 4.29 32.77
C VAL F 78 -15.91 2.86 33.29
N ASP F 79 -15.13 2.53 34.33
CA ASP F 79 -15.16 1.20 34.91
C ASP F 79 -16.57 0.79 35.34
N ALA F 80 -17.22 1.69 36.09
CA ALA F 80 -18.55 1.41 36.63
C ALA F 80 -19.56 1.24 35.51
N LEU F 81 -19.44 2.06 34.48
CA LEU F 81 -20.38 2.04 33.37
C LEU F 81 -20.22 0.79 32.52
N MET F 82 -18.98 0.42 32.23
CA MET F 82 -18.69 -0.67 31.32
C MET F 82 -18.86 -2.03 31.99
N GLN F 83 -18.58 -2.11 33.29
CA GLN F 83 -18.76 -3.35 34.01
C GLN F 83 -20.25 -3.70 34.04
N LYS F 84 -21.08 -2.71 34.35
CA LYS F 84 -22.52 -2.90 34.32
C LYS F 84 -22.98 -3.33 32.93
N ALA F 85 -22.34 -2.77 31.90
CA ALA F 85 -22.71 -3.09 30.52
C ALA F 85 -22.20 -4.47 30.13
N PHE F 86 -20.92 -4.72 30.35
CA PHE F 86 -20.29 -5.99 29.99
C PHE F 86 -20.70 -7.15 30.91
N ASN F 87 -21.52 -6.89 31.92
CA ASN F 87 -21.95 -7.93 32.85
C ASN F 87 -23.23 -8.60 32.39
N SER F 88 -24.07 -7.87 31.66
CA SER F 88 -25.26 -8.43 31.04
C SER F 88 -24.88 -9.18 29.77
N SER F 89 -25.11 -10.49 29.75
CA SER F 89 -24.77 -11.30 28.59
C SER F 89 -25.71 -11.01 27.42
N SER F 90 -26.72 -10.19 27.67
CA SER F 90 -27.59 -9.67 26.61
C SER F 90 -26.81 -8.64 25.79
N PHE F 91 -25.95 -7.89 26.47
CA PHE F 91 -25.21 -6.79 25.86
C PHE F 91 -24.26 -7.23 24.76
N ASN F 92 -24.47 -6.71 23.55
CA ASN F 92 -23.60 -7.02 22.42
C ASN F 92 -22.37 -6.13 22.43
N SER F 93 -21.31 -6.59 23.08
CA SER F 93 -20.08 -5.82 23.22
C SER F 93 -19.52 -5.43 21.85
N ASN F 94 -19.79 -6.27 20.85
CA ASN F 94 -19.25 -6.05 19.51
C ASN F 94 -19.94 -4.87 18.84
N THR F 95 -21.23 -4.72 19.09
CA THR F 95 -21.98 -3.59 18.55
C THR F 95 -21.50 -2.30 19.20
N PHE F 96 -21.17 -2.39 20.49
CA PHE F 96 -20.68 -1.23 21.22
C PHE F 96 -19.40 -0.71 20.58
N LEU F 97 -18.43 -1.59 20.38
CA LEU F 97 -17.14 -1.20 19.81
C LEU F 97 -17.33 -0.62 18.41
N THR F 98 -18.14 -1.29 17.60
CA THR F 98 -18.37 -0.85 16.24
C THR F 98 -18.93 0.57 16.21
N ARG F 99 -19.91 0.84 17.07
CA ARG F 99 -20.54 2.16 17.10
C ARG F 99 -19.60 3.18 17.75
N LEU F 100 -18.81 2.73 18.72
CA LEU F 100 -17.79 3.59 19.29
C LEU F 100 -16.85 4.09 18.20
N LEU F 101 -16.40 3.18 17.33
CA LEU F 101 -15.51 3.55 16.25
C LEU F 101 -16.21 4.50 15.29
N VAL F 102 -17.51 4.31 15.10
CA VAL F 102 -18.30 5.19 14.25
C VAL F 102 -18.33 6.61 14.81
N HIS F 103 -18.66 6.73 16.09
CA HIS F 103 -18.79 8.04 16.71
C HIS F 103 -17.44 8.74 16.85
N MET F 104 -16.36 7.95 16.87
CA MET F 104 -15.02 8.51 16.92
C MET F 104 -14.51 8.85 15.51
N GLY F 105 -15.34 8.62 14.51
CA GLY F 105 -15.01 9.00 13.14
C GLY F 105 -13.94 8.13 12.50
N LEU F 106 -13.74 6.93 13.03
CA LEU F 106 -12.74 6.02 12.50
C LEU F 106 -13.34 5.04 11.51
N LEU F 107 -14.66 4.85 11.57
CA LEU F 107 -15.36 3.91 10.72
C LEU F 107 -16.65 4.54 10.19
N LYS F 108 -16.84 4.48 8.87
CA LYS F 108 -18.03 5.07 8.27
C LYS F 108 -19.27 4.31 8.72
N SER F 109 -20.42 4.96 8.61
CA SER F 109 -21.67 4.37 9.09
C SER F 109 -22.78 4.57 8.08
N GLU F 110 -23.68 3.59 8.00
CA GLU F 110 -24.77 3.62 7.05
C GLU F 110 -25.72 4.79 7.35
N ASP F 111 -25.87 5.11 8.63
CA ASP F 111 -26.78 6.19 9.05
C ASP F 111 -26.08 7.54 9.16
N LYS F 112 -24.91 7.66 8.55
CA LYS F 112 -24.20 8.95 8.47
C LYS F 112 -24.11 9.66 9.83
N VAL F 113 -23.47 9.02 10.80
CA VAL F 113 -23.29 9.63 12.11
C VAL F 113 -22.21 10.72 12.02
N LYS F 114 -22.42 11.81 12.75
CA LYS F 114 -21.42 12.88 12.79
C LYS F 114 -20.42 12.62 13.90
N ALA F 115 -19.14 12.54 13.55
CA ALA F 115 -18.10 12.19 14.50
C ALA F 115 -17.86 13.30 15.50
N ILE F 116 -17.35 12.93 16.68
CA ILE F 116 -16.94 13.90 17.68
C ILE F 116 -15.66 14.59 17.23
N ALA F 117 -15.35 15.71 17.86
CA ALA F 117 -14.21 16.52 17.45
C ALA F 117 -12.89 16.00 18.02
N ASN F 118 -12.78 16.01 19.34
CA ASN F 118 -11.52 15.67 20.01
C ASN F 118 -11.51 14.23 20.49
N LEU F 119 -10.46 13.49 20.15
CA LEU F 119 -10.36 12.08 20.49
C LEU F 119 -9.44 11.82 21.69
N TYR F 120 -8.82 12.88 22.21
CA TYR F 120 -7.86 12.71 23.30
C TYR F 120 -8.49 11.95 24.48
N GLY F 121 -9.59 12.49 24.99
CA GLY F 121 -10.26 11.88 26.12
C GLY F 121 -10.64 10.44 25.88
N PRO F 122 -11.46 10.19 24.84
CA PRO F 122 -11.83 8.83 24.45
C PRO F 122 -10.65 7.86 24.40
N LEU F 123 -9.54 8.30 23.80
CA LEU F 123 -8.36 7.44 23.66
C LEU F 123 -7.76 7.11 25.02
N MET F 124 -7.63 8.12 25.88
CA MET F 124 -7.05 7.91 27.21
C MET F 124 -7.98 7.02 28.04
N ALA F 125 -9.27 7.25 27.89
CA ALA F 125 -10.26 6.45 28.61
C ALA F 125 -10.22 5.00 28.11
N LEU F 126 -10.07 4.83 26.80
CA LEU F 126 -9.92 3.50 26.22
C LEU F 126 -8.68 2.82 26.76
N ASN F 127 -7.57 3.55 26.80
CA ASN F 127 -6.31 3.02 27.29
C ASN F 127 -6.50 2.40 28.67
N HIS F 128 -7.26 3.07 29.51
CA HIS F 128 -7.53 2.56 30.86
C HIS F 128 -8.42 1.32 30.83
N MET F 129 -9.51 1.40 30.07
CA MET F 129 -10.50 0.32 30.02
C MET F 129 -9.90 -1.00 29.53
N VAL F 130 -9.03 -0.92 28.53
CA VAL F 130 -8.46 -2.10 27.89
C VAL F 130 -7.58 -2.88 28.86
N GLN F 131 -7.09 -2.22 29.89
CA GLN F 131 -6.23 -2.86 30.88
C GLN F 131 -7.03 -3.57 31.97
N GLN F 132 -8.36 -3.48 31.90
CA GLN F 132 -9.22 -4.02 32.95
C GLN F 132 -9.72 -5.43 32.66
N ASP F 133 -9.89 -6.22 33.72
CA ASP F 133 -10.29 -7.61 33.59
C ASP F 133 -11.68 -7.76 32.97
N TYR F 134 -12.50 -6.73 33.09
CA TYR F 134 -13.86 -6.81 32.57
C TYR F 134 -13.89 -6.58 31.06
N PHE F 135 -12.77 -6.13 30.50
CA PHE F 135 -12.73 -5.81 29.07
C PHE F 135 -12.59 -7.09 28.24
N PRO F 136 -13.58 -7.36 27.37
CA PRO F 136 -13.48 -8.56 26.51
C PRO F 136 -12.29 -8.50 25.58
N LYS F 137 -11.28 -9.32 25.87
CA LYS F 137 -10.03 -9.31 25.11
C LYS F 137 -10.22 -9.58 23.61
N ALA F 138 -11.39 -10.10 23.24
CA ALA F 138 -11.67 -10.39 21.84
C ALA F 138 -11.85 -9.12 21.01
N LEU F 139 -12.10 -8.00 21.69
CA LEU F 139 -12.32 -6.73 21.01
C LEU F 139 -11.02 -6.02 20.65
N ALA F 140 -9.92 -6.43 21.29
CA ALA F 140 -8.65 -5.74 21.12
C ALA F 140 -8.16 -5.70 19.66
N PRO F 141 -8.25 -6.83 18.94
CA PRO F 141 -7.84 -6.80 17.54
C PRO F 141 -8.58 -5.74 16.72
N LEU F 142 -9.87 -5.56 17.01
CA LEU F 142 -10.67 -4.57 16.31
C LEU F 142 -10.18 -3.15 16.58
N LEU F 143 -9.90 -2.86 17.85
CA LEU F 143 -9.38 -1.54 18.22
C LEU F 143 -8.02 -1.31 17.61
N LEU F 144 -7.15 -2.30 17.79
CA LEU F 144 -5.80 -2.23 17.26
C LEU F 144 -5.83 -1.88 15.78
N ALA F 145 -6.73 -2.50 15.04
CA ALA F 145 -6.80 -2.32 13.60
C ALA F 145 -7.20 -0.89 13.24
N PHE F 146 -8.16 -0.32 13.96
CA PHE F 146 -8.67 1.00 13.62
C PHE F 146 -7.95 2.15 14.33
N VAL F 147 -7.15 1.82 15.34
CA VAL F 147 -6.27 2.83 15.93
C VAL F 147 -4.99 2.90 15.07
N THR F 148 -4.65 1.79 14.43
CA THR F 148 -3.49 1.74 13.52
C THR F 148 -3.78 2.46 12.21
N LYS F 149 -5.01 2.33 11.72
CA LYS F 149 -5.38 2.88 10.42
C LYS F 149 -5.17 4.39 10.38
N PRO F 150 -4.57 4.90 9.28
CA PRO F 150 -4.34 6.35 9.20
C PRO F 150 -5.61 7.17 9.40
N ASN F 151 -5.51 8.24 10.18
CA ASN F 151 -6.64 9.14 10.39
C ASN F 151 -6.16 10.46 10.97
N SER F 152 -6.68 11.56 10.43
CA SER F 152 -6.25 12.89 10.84
C SER F 152 -6.50 13.13 12.33
N ALA F 153 -7.64 12.67 12.82
CA ALA F 153 -8.03 12.94 14.20
C ALA F 153 -7.18 12.14 15.21
N LEU F 154 -6.61 11.03 14.75
CA LEU F 154 -5.71 10.25 15.61
C LEU F 154 -4.33 10.89 15.62
N GLU F 155 -3.90 11.37 14.45
CA GLU F 155 -2.58 11.96 14.29
C GLU F 155 -2.47 13.27 15.09
N SER F 156 -3.61 13.82 15.48
CA SER F 156 -3.65 14.99 16.35
C SER F 156 -3.43 14.61 17.81
N CYS F 157 -3.44 13.32 18.10
CA CYS F 157 -3.24 12.81 19.45
C CYS F 157 -2.25 11.66 19.45
N SER F 158 -1.03 11.94 18.97
CA SER F 158 -0.03 10.90 18.78
C SER F 158 0.32 10.15 20.07
N PHE F 159 0.54 10.89 21.15
CA PHE F 159 0.95 10.27 22.41
C PHE F 159 -0.11 9.32 22.97
N ALA F 160 -1.35 9.80 23.08
CA ALA F 160 -2.47 8.98 23.52
C ALA F 160 -2.70 7.83 22.54
N ARG F 161 -2.63 8.14 21.25
CA ARG F 161 -2.80 7.11 20.21
C ARG F 161 -1.80 5.99 20.41
N HIS F 162 -0.52 6.34 20.41
CA HIS F 162 0.54 5.35 20.52
CA HIS F 162 0.55 5.35 20.53
C HIS F 162 0.57 4.73 21.92
N SER F 163 0.15 5.50 22.91
CA SER F 163 0.01 4.97 24.26
C SER F 163 -0.99 3.82 24.27
N LEU F 164 -2.12 4.01 23.58
CA LEU F 164 -3.17 3.00 23.52
C LEU F 164 -2.74 1.80 22.70
N LEU F 165 -1.99 2.03 21.64
CA LEU F 165 -1.48 0.95 20.81
C LEU F 165 -0.56 0.03 21.60
N GLN F 166 0.36 0.61 22.37
CA GLN F 166 1.27 -0.17 23.18
C GLN F 166 0.48 -1.04 24.15
N THR F 167 -0.56 -0.46 24.74
CA THR F 167 -1.41 -1.19 25.67
C THR F 167 -2.11 -2.35 24.98
N LEU F 168 -2.66 -2.10 23.80
CA LEU F 168 -3.40 -3.13 23.06
C LEU F 168 -2.50 -4.28 22.61
N TYR F 169 -1.24 -3.96 22.31
CA TYR F 169 -0.28 -4.97 21.90
C TYR F 169 0.06 -5.95 23.04
N LYS F 170 -0.28 -5.58 24.28
CA LYS F 170 -0.03 -6.45 25.42
C LYS F 170 -1.24 -7.30 25.80
N VAL F 171 -2.40 -6.94 25.27
CA VAL F 171 -3.63 -7.66 25.59
C VAL F 171 -3.53 -9.11 25.14
N ASP G 39 6.46 -39.61 -10.91
CA ASP G 39 6.52 -39.56 -12.36
C ASP G 39 5.86 -38.29 -12.88
N ILE G 40 6.46 -37.68 -13.89
CA ILE G 40 5.92 -36.47 -14.50
C ILE G 40 5.39 -36.79 -15.88
N GLN G 41 4.37 -36.06 -16.31
CA GLN G 41 3.88 -36.16 -17.67
C GLN G 41 3.38 -34.82 -18.18
N PHE G 42 3.89 -34.41 -19.33
CA PHE G 42 3.46 -33.18 -19.97
C PHE G 42 2.01 -33.32 -20.43
N VAL G 43 1.26 -32.23 -20.31
CA VAL G 43 -0.15 -32.24 -20.71
C VAL G 43 -0.38 -31.28 -21.87
N SER G 44 -0.10 -30.00 -21.65
CA SER G 44 -0.32 -28.99 -22.69
C SER G 44 0.39 -27.68 -22.36
N GLU G 45 0.69 -26.91 -23.41
CA GLU G 45 1.25 -25.57 -23.25
C GLU G 45 0.50 -24.58 -24.13
N GLY G 46 -0.14 -23.60 -23.51
CA GLY G 46 -0.91 -22.60 -24.25
C GLY G 46 -0.79 -21.20 -23.69
N PRO G 47 -1.47 -20.23 -24.32
CA PRO G 47 -1.43 -18.85 -23.85
C PRO G 47 -2.02 -18.67 -22.45
N LEU G 48 -1.42 -17.77 -21.68
CA LEU G 48 -1.89 -17.46 -20.34
C LEU G 48 -3.17 -16.62 -20.45
N ARG G 49 -3.19 -15.74 -21.46
CA ARG G 49 -4.36 -14.93 -21.75
C ARG G 49 -4.76 -15.13 -23.21
N PRO G 50 -5.46 -16.23 -23.50
CA PRO G 50 -5.89 -16.51 -24.87
C PRO G 50 -6.98 -15.57 -25.35
N VAL G 51 -7.07 -15.38 -26.66
CA VAL G 51 -8.17 -14.64 -27.25
C VAL G 51 -9.44 -15.46 -27.03
N LEU G 52 -10.39 -14.90 -26.30
CA LEU G 52 -11.63 -15.60 -25.97
C LEU G 52 -12.62 -15.54 -27.14
N GLU G 53 -12.67 -14.40 -27.82
CA GLU G 53 -13.62 -14.20 -28.90
C GLU G 53 -13.10 -13.18 -29.90
N TYR G 54 -13.47 -13.37 -31.16
CA TYR G 54 -13.10 -12.45 -32.23
C TYR G 54 -14.33 -11.69 -32.72
N ILE G 55 -14.20 -10.38 -32.85
CA ILE G 55 -15.30 -9.54 -33.30
C ILE G 55 -14.86 -8.71 -34.50
N ASP G 56 -15.72 -8.63 -35.50
CA ASP G 56 -15.40 -7.95 -36.75
C ASP G 56 -16.13 -6.61 -36.82
N LEU G 57 -15.37 -5.52 -36.82
CA LEU G 57 -15.94 -4.17 -36.87
C LEU G 57 -15.81 -3.56 -38.26
N VAL G 58 -15.43 -4.39 -39.23
CA VAL G 58 -15.27 -3.94 -40.60
C VAL G 58 -16.58 -4.17 -41.37
N SER G 59 -17.41 -3.13 -41.43
CA SER G 59 -18.68 -3.21 -42.14
C SER G 59 -19.32 -1.81 -42.19
#